data_8FIP
#
_entry.id   8FIP
#
_cell.length_a   86.628
_cell.length_b   90.219
_cell.length_c   103.760
_cell.angle_alpha   90.00
_cell.angle_beta   90.00
_cell.angle_gamma   90.00
#
_symmetry.space_group_name_H-M   'P 2 21 21'
#
loop_
_entity.id
_entity.type
_entity.pdbx_description
1 polymer 'Epimerase domain-containing protein'
2 non-polymer 'NADP NICOTINAMIDE-ADENINE-DINUCLEOTIDE PHOSPHATE'
3 water water
#
_entity_poly.entity_id   1
_entity_poly.type   'polypeptide(L)'
_entity_poly.pdbx_seq_one_letter_code
;MSSSARNTTKLKTACVTGGNGYIGSALIKMLLEEGYAVKTTVRNPDDMEKNSHLKGLQELGPLTVLRADMDEEGSLDDAV
AGCDYAFLVAAPVNLWAQDPEKQQIEPSVRGTLNAVRSCVKAGTVRRVILTSSAAGVYIRPDLQGDGHALDEDSWSDVDF
LRANKPPTWGYCVSKVLLEKAACRFAEEHGISLVTVCPVLTVGAAPAPKVRTSIVDSLSMLSGDEAGLAVLRGIETTSGA
LQLVHIDDLCRAELFLAEEAAAGGRYICCSLNTTVVELARFLAHKYPQYRVKTNFDDDEHLLERPRVIMSSEKLVREGFE
YRHNTLDEIYDNVVEYGKALGILPY
;
_entity_poly.pdbx_strand_id   A,B
#
# COMPACT_ATOMS: atom_id res chain seq x y z
N THR A 8 -17.80 17.40 39.65
CA THR A 8 -17.16 16.35 38.87
C THR A 8 -15.78 15.97 39.41
N THR A 9 -15.44 16.51 40.58
CA THR A 9 -14.10 16.26 41.13
C THR A 9 -13.88 14.78 41.43
N LYS A 10 -14.94 14.06 41.80
CA LYS A 10 -14.83 12.66 42.16
C LYS A 10 -15.27 11.72 41.04
N LEU A 11 -15.32 12.21 39.81
CA LEU A 11 -15.57 11.33 38.68
C LEU A 11 -14.43 10.34 38.51
N LYS A 12 -14.76 9.11 38.15
CA LYS A 12 -13.75 8.17 37.68
C LYS A 12 -13.18 8.72 36.38
N THR A 13 -11.88 8.50 36.15
CA THR A 13 -11.15 9.16 35.07
C THR A 13 -10.45 8.11 34.23
N ALA A 14 -10.58 8.23 32.92
CA ALA A 14 -9.99 7.28 31.99
C ALA A 14 -8.95 7.99 31.16
N CYS A 15 -7.83 7.33 30.92
CA CYS A 15 -6.79 7.83 30.03
C CYS A 15 -6.96 7.12 28.70
N VAL A 16 -6.98 7.88 27.60
CA VAL A 16 -6.98 7.29 26.27
C VAL A 16 -5.76 7.82 25.53
N THR A 17 -4.87 6.91 25.08
CA THR A 17 -3.72 7.36 24.31
C THR A 17 -4.06 7.46 22.82
N GLY A 18 -3.64 8.55 22.19
CA GLY A 18 -3.84 8.77 20.78
C GLY A 18 -5.22 9.30 20.45
N GLY A 19 -5.56 10.49 20.97
CA GLY A 19 -6.91 11.01 20.84
C GLY A 19 -7.32 11.44 19.45
N ASN A 20 -6.37 11.61 18.54
CA ASN A 20 -6.65 11.91 17.14
C ASN A 20 -6.89 10.67 16.30
N GLY A 21 -6.55 9.50 16.82
CA GLY A 21 -6.72 8.29 16.07
C GLY A 21 -8.19 7.93 15.90
N TYR A 22 -8.46 7.07 14.93
CA TYR A 22 -9.83 6.60 14.66
C TYR A 22 -10.48 5.99 15.92
N ILE A 23 -9.94 4.86 16.40
CA ILE A 23 -10.52 4.20 17.56
C ILE A 23 -10.42 5.08 18.81
N GLY A 24 -9.26 5.72 19.01
CA GLY A 24 -9.09 6.58 20.18
C GLY A 24 -10.16 7.66 20.26
N SER A 25 -10.44 8.32 19.13
CA SER A 25 -11.43 9.41 19.13
C SER A 25 -12.82 8.88 19.48
N ALA A 26 -13.18 7.72 18.91
CA ALA A 26 -14.47 7.11 19.22
C ALA A 26 -14.57 6.70 20.67
N LEU A 27 -13.47 6.16 21.20
CA LEU A 27 -13.47 5.73 22.60
C LEU A 27 -13.64 6.92 23.54
N ILE A 28 -12.92 8.02 23.27
CA ILE A 28 -13.07 9.23 24.08
C ILE A 28 -14.52 9.66 24.12
N LYS A 29 -15.15 9.71 22.93
CA LYS A 29 -16.54 10.16 22.88
C LYS A 29 -17.45 9.28 23.72
N MET A 30 -17.34 7.96 23.57
CA MET A 30 -18.13 7.05 24.39
C MET A 30 -17.86 7.22 25.87
N LEU A 31 -16.59 7.28 26.26
CA LEU A 31 -16.29 7.46 27.68
C LEU A 31 -16.97 8.70 28.25
N LEU A 32 -16.92 9.81 27.52
CA LEU A 32 -17.55 11.04 27.99
C LEU A 32 -19.06 10.90 28.06
N GLU A 33 -19.65 10.30 27.02
CA GLU A 33 -21.10 10.07 27.00
C GLU A 33 -21.54 9.21 28.17
N GLU A 34 -20.69 8.27 28.60
CA GLU A 34 -21.06 7.38 29.69
C GLU A 34 -20.72 7.94 31.06
N GLY A 35 -20.18 9.16 31.13
CA GLY A 35 -20.04 9.88 32.38
C GLY A 35 -18.66 9.90 33.00
N TYR A 36 -17.64 9.40 32.29
CA TYR A 36 -16.27 9.47 32.78
C TYR A 36 -15.69 10.85 32.51
N ALA A 37 -14.74 11.25 33.37
CA ALA A 37 -13.76 12.23 32.97
C ALA A 37 -12.69 11.55 32.15
N VAL A 38 -12.11 12.26 31.18
CA VAL A 38 -11.11 11.66 30.30
C VAL A 38 -9.87 12.53 30.22
N LYS A 39 -8.70 11.88 30.19
CA LYS A 39 -7.46 12.55 29.82
C LYS A 39 -6.93 11.84 28.56
N THR A 40 -6.56 12.60 27.53
CA THR A 40 -6.06 11.97 26.31
C THR A 40 -4.70 12.56 25.93
N THR A 41 -3.85 11.74 25.33
CA THR A 41 -2.59 12.23 24.78
C THR A 41 -2.66 12.28 23.26
N VAL A 42 -2.05 13.31 22.69
CA VAL A 42 -1.78 13.38 21.25
C VAL A 42 -0.36 13.88 21.12
N ARG A 43 0.22 13.65 19.94
CA ARG A 43 1.62 14.04 19.80
C ARG A 43 1.80 15.54 19.55
N ASN A 44 0.78 16.23 19.03
CA ASN A 44 0.86 17.67 18.83
C ASN A 44 -0.51 18.29 19.01
N PRO A 45 -0.84 18.72 20.22
CA PRO A 45 -2.18 19.29 20.43
C PRO A 45 -2.42 20.57 19.64
N ASP A 46 -1.38 21.19 19.04
CA ASP A 46 -1.59 22.37 18.21
C ASP A 46 -1.96 22.03 16.76
N ASP A 47 -1.90 20.76 16.37
CA ASP A 47 -2.20 20.33 15.02
C ASP A 47 -3.70 20.24 14.85
N MET A 48 -4.31 21.27 14.26
CA MET A 48 -5.76 21.27 14.13
C MET A 48 -6.23 20.48 12.91
N GLU A 49 -5.31 20.10 12.02
CA GLU A 49 -5.70 19.18 10.97
C GLU A 49 -6.07 17.82 11.57
N LYS A 50 -5.30 17.37 12.57
CA LYS A 50 -5.56 16.09 13.25
C LYS A 50 -6.48 16.22 14.46
N ASN A 51 -6.51 17.38 15.12
CA ASN A 51 -7.12 17.49 16.45
C ASN A 51 -8.25 18.52 16.54
N SER A 52 -8.83 18.91 15.39
CA SER A 52 -9.93 19.88 15.41
C SER A 52 -11.16 19.35 16.13
N HIS A 53 -11.27 18.03 16.33
CA HIS A 53 -12.44 17.46 17.00
C HIS A 53 -12.39 17.56 18.51
N LEU A 54 -11.22 17.84 19.09
CA LEU A 54 -11.11 17.73 20.55
C LEU A 54 -11.92 18.82 21.26
N LYS A 55 -11.97 20.03 20.69
CA LYS A 55 -12.78 21.08 21.32
C LYS A 55 -14.25 20.66 21.40
N GLY A 56 -14.79 20.08 20.33
CA GLY A 56 -16.16 19.59 20.36
C GLY A 56 -16.37 18.49 21.39
N LEU A 57 -15.42 17.58 21.50
CA LEU A 57 -15.55 16.54 22.51
C LEU A 57 -15.53 17.12 23.92
N GLN A 58 -14.79 18.21 24.14
CA GLN A 58 -14.77 18.82 25.47
C GLN A 58 -16.13 19.37 25.87
N GLU A 59 -17.06 19.51 24.93
CA GLU A 59 -18.44 19.89 25.27
C GLU A 59 -19.24 18.76 25.85
N LEU A 60 -18.81 17.51 25.69
CA LEU A 60 -19.58 16.37 26.16
C LEU A 60 -19.27 15.97 27.59
N GLY A 61 -18.15 16.43 28.13
CA GLY A 61 -17.73 16.02 29.46
C GLY A 61 -16.34 16.55 29.69
N PRO A 62 -15.78 16.28 30.86
CA PRO A 62 -14.44 16.78 31.17
C PRO A 62 -13.36 16.03 30.39
N LEU A 63 -12.68 16.73 29.49
CA LEU A 63 -11.64 16.15 28.65
C LEU A 63 -10.42 17.04 28.68
N THR A 64 -9.30 16.49 29.16
CA THR A 64 -8.01 17.18 29.20
C THR A 64 -7.12 16.60 28.12
N VAL A 65 -6.40 17.47 27.41
CA VAL A 65 -5.54 17.08 26.29
C VAL A 65 -4.08 17.34 26.66
N LEU A 66 -3.23 16.33 26.50
CA LEU A 66 -1.83 16.39 26.90
C LEU A 66 -0.97 15.96 25.71
N ARG A 67 0.24 16.50 25.65
CA ARG A 67 1.20 16.21 24.59
C ARG A 67 2.12 15.08 25.04
N ALA A 68 2.16 13.99 24.26
CA ALA A 68 3.05 12.88 24.59
C ALA A 68 3.33 12.03 23.36
N ASP A 69 4.57 11.54 23.24
CA ASP A 69 4.95 10.53 22.28
C ASP A 69 5.25 9.25 23.04
N MET A 70 4.49 8.18 22.77
CA MET A 70 4.61 6.99 23.61
C MET A 70 5.96 6.31 23.49
N ASP A 71 6.75 6.64 22.49
CA ASP A 71 8.06 6.05 22.30
C ASP A 71 9.08 6.49 23.34
N GLU A 72 8.82 7.59 24.06
CA GLU A 72 9.74 8.12 25.07
C GLU A 72 9.34 7.64 26.47
N GLU A 73 10.30 7.07 27.19
CA GLU A 73 10.03 6.60 28.55
C GLU A 73 9.50 7.73 29.40
N GLY A 74 8.45 7.44 30.16
CA GLY A 74 7.83 8.41 31.05
C GLY A 74 6.91 9.42 30.37
N SER A 75 6.75 9.36 29.05
CA SER A 75 5.91 10.34 28.35
C SER A 75 4.48 10.35 28.84
N LEU A 76 3.95 9.19 29.26
CA LEU A 76 2.55 9.04 29.66
C LEU A 76 2.34 9.34 31.13
N ASP A 77 3.41 9.55 31.89
CA ASP A 77 3.29 9.69 33.34
C ASP A 77 2.23 10.73 33.71
N ASP A 78 2.32 11.93 33.13
CA ASP A 78 1.42 13.01 33.55
C ASP A 78 -0.02 12.72 33.16
N ALA A 79 -0.24 12.19 31.95
CA ALA A 79 -1.61 11.98 31.48
C ALA A 79 -2.33 10.90 32.28
N VAL A 80 -1.61 9.84 32.66
CA VAL A 80 -2.29 8.74 33.35
C VAL A 80 -2.28 8.90 34.87
N ALA A 81 -1.49 9.84 35.40
CA ALA A 81 -1.62 10.20 36.81
C ALA A 81 -3.07 10.47 37.15
N GLY A 82 -3.51 9.91 38.29
CA GLY A 82 -4.85 10.11 38.78
C GLY A 82 -5.92 9.32 38.08
N CYS A 83 -5.59 8.58 37.02
CA CYS A 83 -6.63 7.87 36.28
C CYS A 83 -6.93 6.53 36.91
N ASP A 84 -8.21 6.14 36.84
CA ASP A 84 -8.68 4.84 37.26
C ASP A 84 -8.54 3.78 36.18
N TYR A 85 -8.65 4.16 34.92
CA TYR A 85 -8.52 3.22 33.81
C TYR A 85 -7.57 3.81 32.77
N ALA A 86 -6.80 2.93 32.13
CA ALA A 86 -5.91 3.36 31.04
C ALA A 86 -6.24 2.56 29.79
N PHE A 87 -6.64 3.26 28.73
CA PHE A 87 -6.94 2.62 27.44
C PHE A 87 -5.79 2.89 26.48
N LEU A 88 -4.94 1.88 26.31
CA LEU A 88 -3.74 2.01 25.48
C LEU A 88 -4.09 1.66 24.04
N VAL A 89 -4.54 2.66 23.30
CA VAL A 89 -4.97 2.51 21.92
C VAL A 89 -3.85 2.86 20.96
N ALA A 90 -3.21 4.01 21.20
CA ALA A 90 -2.15 4.44 20.30
C ALA A 90 -1.08 3.35 20.17
N ALA A 91 -0.54 3.20 18.97
CA ALA A 91 0.56 2.28 18.72
C ALA A 91 1.09 2.53 17.32
N PRO A 92 2.32 2.11 17.06
CA PRO A 92 2.86 2.22 15.71
C PRO A 92 2.01 1.40 14.74
N VAL A 93 1.71 1.98 13.59
CA VAL A 93 0.90 1.28 12.61
C VAL A 93 1.57 1.36 11.25
N ASN A 94 2.87 1.04 11.21
CA ASN A 94 3.69 1.07 10.01
C ASN A 94 3.68 -0.29 9.31
N LEU A 95 2.63 -0.55 8.51
CA LEU A 95 2.40 -1.87 7.93
C LEU A 95 3.47 -2.26 6.91
N TRP A 96 4.01 -1.30 6.15
CA TRP A 96 4.96 -1.63 5.11
C TRP A 96 6.33 -1.01 5.36
N ALA A 97 6.80 -1.07 6.60
CA ALA A 97 8.11 -0.54 6.95
C ALA A 97 9.22 -1.28 6.21
N GLN A 98 10.26 -0.54 5.78
CA GLN A 98 11.40 -1.20 5.12
C GLN A 98 12.21 -2.03 6.10
N ASP A 99 12.23 -1.65 7.37
CA ASP A 99 12.98 -2.34 8.42
C ASP A 99 12.01 -2.55 9.58
N PRO A 100 11.11 -3.53 9.45
CA PRO A 100 10.06 -3.67 10.48
C PRO A 100 10.57 -3.93 11.88
N GLU A 101 11.72 -4.61 12.03
CA GLU A 101 12.18 -4.83 13.40
C GLU A 101 12.41 -3.50 14.09
N LYS A 102 13.09 -2.57 13.42
CA LYS A 102 13.40 -1.32 14.07
C LYS A 102 12.29 -0.30 13.95
N GLN A 103 11.46 -0.37 12.89
CA GLN A 103 10.46 0.68 12.68
C GLN A 103 9.05 0.29 13.14
N GLN A 104 8.80 -0.99 13.42
CA GLN A 104 7.46 -1.39 13.82
C GLN A 104 7.50 -2.24 15.09
N ILE A 105 8.35 -3.27 15.12
CA ILE A 105 8.30 -4.24 16.22
C ILE A 105 8.90 -3.65 17.51
N GLU A 106 10.14 -3.19 17.45
CA GLU A 106 10.74 -2.60 18.65
C GLU A 106 10.00 -1.35 19.15
N PRO A 107 9.56 -0.42 18.30
CA PRO A 107 8.76 0.69 18.82
C PRO A 107 7.47 0.24 19.47
N SER A 108 6.85 -0.81 18.94
CA SER A 108 5.61 -1.31 19.53
C SER A 108 5.86 -1.85 20.92
N VAL A 109 6.86 -2.72 21.06
CA VAL A 109 7.13 -3.29 22.37
C VAL A 109 7.56 -2.20 23.33
N ARG A 110 8.45 -1.32 22.87
CA ARG A 110 8.96 -0.31 23.78
C ARG A 110 7.85 0.70 24.14
N GLY A 111 7.06 1.11 23.15
CA GLY A 111 5.95 2.02 23.43
C GLY A 111 4.95 1.45 24.43
N THR A 112 4.66 0.16 24.31
CA THR A 112 3.70 -0.46 25.23
C THR A 112 4.30 -0.59 26.64
N LEU A 113 5.54 -1.05 26.74
CA LEU A 113 6.12 -1.14 28.09
C LEU A 113 6.27 0.25 28.71
N ASN A 114 6.62 1.26 27.92
CA ASN A 114 6.64 2.63 28.44
C ASN A 114 5.29 2.97 29.06
N ALA A 115 4.22 2.64 28.36
CA ALA A 115 2.88 3.04 28.79
C ALA A 115 2.47 2.27 30.04
N VAL A 116 2.68 0.96 30.06
CA VAL A 116 2.25 0.21 31.24
C VAL A 116 3.09 0.65 32.43
N ARG A 117 4.38 0.94 32.22
CA ARG A 117 5.20 1.47 33.31
C ARG A 117 4.60 2.75 33.89
N SER A 118 4.18 3.68 33.02
CA SER A 118 3.53 4.88 33.53
C SER A 118 2.27 4.55 34.33
N CYS A 119 1.51 3.54 33.87
CA CYS A 119 0.29 3.17 34.58
C CYS A 119 0.61 2.65 35.99
N VAL A 120 1.65 1.81 36.11
CA VAL A 120 2.08 1.32 37.42
C VAL A 120 2.50 2.49 38.31
N LYS A 121 3.28 3.42 37.75
CA LYS A 121 3.76 4.57 38.49
C LYS A 121 2.62 5.42 39.04
N ALA A 122 1.52 5.55 38.30
CA ALA A 122 0.41 6.37 38.76
C ALA A 122 -0.16 5.83 40.06
N GLY A 123 -0.17 4.51 40.23
CA GLY A 123 -0.68 3.87 41.42
C GLY A 123 -2.19 3.81 41.53
N THR A 124 -2.88 4.70 40.80
CA THR A 124 -4.33 4.81 40.83
C THR A 124 -5.02 3.93 39.78
N VAL A 125 -4.28 3.41 38.80
CA VAL A 125 -4.90 2.68 37.70
C VAL A 125 -5.33 1.30 38.16
N ARG A 126 -6.64 1.07 38.18
CA ARG A 126 -7.22 -0.22 38.56
C ARG A 126 -7.11 -1.24 37.44
N ARG A 127 -7.15 -0.80 36.19
CA ARG A 127 -7.01 -1.74 35.09
C ARG A 127 -6.50 -1.01 33.85
N VAL A 128 -5.64 -1.72 33.12
CA VAL A 128 -5.14 -1.29 31.83
C VAL A 128 -5.86 -2.11 30.77
N ILE A 129 -6.41 -1.44 29.76
CA ILE A 129 -7.04 -2.12 28.64
C ILE A 129 -6.16 -1.84 27.42
N LEU A 130 -5.48 -2.87 26.95
CA LEU A 130 -4.55 -2.75 25.84
C LEU A 130 -5.29 -3.12 24.57
N THR A 131 -5.29 -2.23 23.56
CA THR A 131 -5.82 -2.57 22.24
C THR A 131 -4.68 -3.15 21.41
N SER A 132 -4.76 -4.44 21.13
CA SER A 132 -3.88 -5.10 20.19
C SER A 132 -4.66 -5.29 18.88
N SER A 133 -4.50 -6.42 18.20
CA SER A 133 -5.23 -6.64 16.96
C SER A 133 -5.40 -8.13 16.72
N ALA A 134 -6.43 -8.47 15.94
CA ALA A 134 -6.56 -9.81 15.39
C ALA A 134 -5.30 -10.25 14.62
N ALA A 135 -4.52 -9.31 14.10
CA ALA A 135 -3.29 -9.68 13.40
C ALA A 135 -2.34 -10.45 14.29
N GLY A 136 -2.47 -10.34 15.62
CA GLY A 136 -1.74 -11.11 16.60
C GLY A 136 -2.31 -12.49 16.88
N VAL A 137 -3.45 -12.82 16.26
CA VAL A 137 -4.18 -14.05 16.55
C VAL A 137 -4.12 -15.02 15.38
N TYR A 138 -4.36 -14.53 14.16
CA TYR A 138 -4.85 -15.42 13.10
C TYR A 138 -3.81 -15.86 12.07
N ILE A 139 -2.52 -15.59 12.26
CA ILE A 139 -1.56 -16.12 11.29
C ILE A 139 -1.28 -17.57 11.71
N ARG A 140 -1.95 -18.52 11.07
CA ARG A 140 -1.96 -19.91 11.51
C ARG A 140 -1.75 -20.83 10.31
N PRO A 141 -0.54 -20.84 9.73
CA PRO A 141 -0.28 -21.68 8.55
C PRO A 141 -0.38 -23.15 8.83
N ASP A 142 -0.35 -23.54 10.10
CA ASP A 142 -0.47 -24.96 10.44
C ASP A 142 -1.88 -25.49 10.21
N LEU A 143 -2.89 -24.62 10.17
CA LEU A 143 -4.27 -25.04 9.96
C LEU A 143 -4.55 -25.22 8.49
N GLN A 144 -4.83 -26.45 8.08
CA GLN A 144 -5.19 -26.69 6.68
C GLN A 144 -6.63 -27.12 6.54
N GLY A 145 -7.18 -26.83 5.36
CA GLY A 145 -8.59 -27.08 5.10
C GLY A 145 -9.46 -26.08 5.85
N ASP A 146 -10.75 -26.40 5.93
CA ASP A 146 -11.68 -25.48 6.57
C ASP A 146 -12.17 -26.02 7.90
N GLY A 147 -13.19 -25.37 8.45
CA GLY A 147 -13.79 -25.82 9.69
C GLY A 147 -13.12 -25.37 10.96
N HIS A 148 -12.15 -24.47 10.87
CA HIS A 148 -11.37 -24.05 12.03
C HIS A 148 -12.02 -22.85 12.72
N ALA A 149 -11.88 -22.82 14.04
CA ALA A 149 -12.28 -21.67 14.85
C ALA A 149 -11.09 -21.26 15.71
N LEU A 150 -10.76 -19.98 15.71
CA LEU A 150 -9.67 -19.48 16.54
C LEU A 150 -10.22 -18.83 17.79
N ASP A 151 -9.56 -19.06 18.92
CA ASP A 151 -9.85 -18.34 20.14
C ASP A 151 -8.59 -17.65 20.63
N GLU A 152 -8.65 -17.14 21.86
CA GLU A 152 -7.60 -16.30 22.42
C GLU A 152 -6.30 -17.06 22.68
N ASP A 153 -6.32 -18.39 22.60
CA ASP A 153 -5.06 -19.13 22.69
C ASP A 153 -4.38 -19.32 21.34
N SER A 154 -4.98 -18.80 20.26
CA SER A 154 -4.30 -18.75 18.98
C SER A 154 -3.38 -17.54 18.92
N TRP A 155 -2.12 -17.77 18.60
CA TRP A 155 -1.13 -16.71 18.42
C TRP A 155 -0.56 -16.75 17.02
N SER A 156 -0.41 -15.58 16.41
CA SER A 156 0.17 -15.54 15.07
C SER A 156 1.59 -16.13 15.09
N ASP A 157 1.93 -16.87 14.03
CA ASP A 157 3.14 -17.68 13.98
C ASP A 157 4.33 -16.79 13.67
N VAL A 158 5.03 -16.35 14.72
CA VAL A 158 6.08 -15.33 14.55
C VAL A 158 7.24 -15.90 13.75
N ASP A 159 7.60 -17.16 13.99
CA ASP A 159 8.71 -17.75 13.26
C ASP A 159 8.38 -17.84 11.77
N PHE A 160 7.13 -18.20 11.44
CA PHE A 160 6.72 -18.27 10.05
C PHE A 160 6.77 -16.88 9.41
N LEU A 161 6.31 -15.87 10.15
CA LEU A 161 6.26 -14.51 9.62
C LEU A 161 7.67 -14.00 9.35
N ARG A 162 8.60 -14.25 10.27
CA ARG A 162 9.97 -13.75 10.09
C ARG A 162 10.71 -14.53 9.00
N ALA A 163 10.37 -15.80 8.81
CA ALA A 163 11.03 -16.62 7.79
C ALA A 163 10.55 -16.29 6.39
N ASN A 164 9.26 -15.98 6.23
CA ASN A 164 8.68 -15.74 4.91
C ASN A 164 8.43 -14.27 4.59
N LYS A 165 8.32 -13.41 5.60
CA LYS A 165 8.11 -11.97 5.44
C LYS A 165 7.06 -11.64 4.38
N PRO A 166 5.85 -12.19 4.49
CA PRO A 166 4.77 -11.74 3.62
C PRO A 166 4.46 -10.28 3.90
N PRO A 167 3.76 -9.60 2.99
CA PRO A 167 3.44 -8.18 3.21
C PRO A 167 2.78 -7.95 4.56
N THR A 168 3.21 -6.89 5.26
CA THR A 168 2.71 -6.47 6.60
C THR A 168 3.08 -7.45 7.73
N TRP A 169 4.01 -8.39 7.49
CA TRP A 169 4.41 -9.36 8.51
C TRP A 169 4.88 -8.66 9.78
N GLY A 170 5.53 -7.50 9.64
CA GLY A 170 6.07 -6.85 10.81
C GLY A 170 4.98 -6.36 11.75
N TYR A 171 3.83 -5.98 11.19
CA TYR A 171 2.68 -5.59 12.01
C TYR A 171 2.17 -6.76 12.82
N CYS A 172 1.98 -7.92 12.17
CA CYS A 172 1.52 -9.11 12.89
C CYS A 172 2.48 -9.46 14.01
N VAL A 173 3.78 -9.52 13.69
CA VAL A 173 4.77 -9.87 14.71
C VAL A 173 4.72 -8.88 15.86
N SER A 174 4.64 -7.57 15.54
CA SER A 174 4.68 -6.57 16.59
C SER A 174 3.55 -6.77 17.59
N LYS A 175 2.38 -7.23 17.13
CA LYS A 175 1.28 -7.41 18.07
C LYS A 175 1.55 -8.58 19.00
N VAL A 176 2.08 -9.69 18.48
CA VAL A 176 2.37 -10.83 19.34
C VAL A 176 3.35 -10.42 20.43
N LEU A 177 4.47 -9.80 20.01
CA LEU A 177 5.52 -9.48 20.97
C LEU A 177 5.10 -8.41 21.96
N LEU A 178 4.39 -7.37 21.52
CA LEU A 178 3.99 -6.36 22.52
C LEU A 178 2.99 -6.92 23.51
N GLU A 179 2.08 -7.81 23.05
CA GLU A 179 1.11 -8.38 23.97
C GLU A 179 1.81 -9.21 25.03
N LYS A 180 2.74 -10.07 24.59
CA LYS A 180 3.44 -10.96 25.52
C LYS A 180 4.29 -10.16 26.51
N ALA A 181 4.94 -9.11 26.04
CA ALA A 181 5.72 -8.25 26.94
C ALA A 181 4.82 -7.52 27.92
N ALA A 182 3.72 -6.94 27.43
CA ALA A 182 2.81 -6.21 28.30
C ALA A 182 2.28 -7.11 29.41
N CYS A 183 1.92 -8.35 29.05
CA CYS A 183 1.36 -9.28 30.02
C CYS A 183 2.38 -9.63 31.10
N ARG A 184 3.60 -9.96 30.68
CA ARG A 184 4.63 -10.30 31.65
C ARG A 184 4.92 -9.11 32.58
N PHE A 185 5.05 -7.91 32.01
CA PHE A 185 5.32 -6.74 32.84
C PHE A 185 4.18 -6.49 33.81
N ALA A 186 2.93 -6.58 33.34
CA ALA A 186 1.80 -6.30 34.24
C ALA A 186 1.73 -7.34 35.37
N GLU A 187 1.97 -8.62 35.06
CA GLU A 187 2.00 -9.62 36.12
C GLU A 187 3.12 -9.32 37.12
N GLU A 188 4.31 -8.98 36.62
CA GLU A 188 5.42 -8.62 37.50
C GLU A 188 5.04 -7.51 38.48
N HIS A 189 4.26 -6.54 38.03
CA HIS A 189 3.93 -5.38 38.86
C HIS A 189 2.54 -5.44 39.48
N GLY A 190 1.84 -6.55 39.33
CA GLY A 190 0.56 -6.72 39.99
C GLY A 190 -0.50 -5.75 39.54
N ILE A 191 -0.51 -5.36 38.26
CA ILE A 191 -1.53 -4.46 37.73
C ILE A 191 -2.39 -5.27 36.78
N SER A 192 -3.71 -5.08 36.87
CA SER A 192 -4.64 -5.81 36.01
C SER A 192 -4.51 -5.28 34.60
N LEU A 193 -4.26 -6.18 33.65
CA LEU A 193 -4.20 -5.78 32.24
C LEU A 193 -5.08 -6.72 31.45
N VAL A 194 -6.01 -6.17 30.69
CA VAL A 194 -6.84 -6.94 29.78
C VAL A 194 -6.54 -6.46 28.38
N THR A 195 -6.42 -7.39 27.47
CA THR A 195 -6.04 -7.11 26.08
C THR A 195 -7.24 -7.39 25.20
N VAL A 196 -7.52 -6.47 24.28
CA VAL A 196 -8.58 -6.64 23.29
C VAL A 196 -7.91 -6.75 21.92
N CYS A 197 -8.28 -7.79 21.16
CA CYS A 197 -7.79 -7.99 19.80
C CYS A 197 -8.93 -7.80 18.79
N PRO A 198 -9.20 -6.58 18.35
CA PRO A 198 -10.30 -6.39 17.40
C PRO A 198 -9.90 -6.81 16.00
N VAL A 199 -10.91 -7.19 15.22
CA VAL A 199 -10.75 -7.41 13.78
C VAL A 199 -10.96 -6.06 13.08
N LEU A 200 -11.05 -6.07 11.74
CA LEU A 200 -11.21 -4.83 10.99
C LEU A 200 -12.43 -4.08 11.50
N THR A 201 -12.24 -2.81 11.84
CA THR A 201 -13.25 -2.01 12.56
C THR A 201 -13.87 -0.98 11.62
N VAL A 202 -15.21 -0.88 11.63
CA VAL A 202 -15.98 -0.15 10.64
C VAL A 202 -16.93 0.81 11.34
N GLY A 203 -17.04 2.04 10.83
CA GLY A 203 -18.06 2.96 11.32
C GLY A 203 -17.50 4.33 11.66
N ALA A 204 -18.43 5.26 11.85
CA ALA A 204 -18.08 6.67 12.04
C ALA A 204 -17.42 6.95 13.39
N ALA A 205 -16.49 7.90 13.38
CA ALA A 205 -15.80 8.36 14.57
C ALA A 205 -15.65 9.88 14.50
N PRO A 206 -15.31 10.53 15.61
CA PRO A 206 -15.11 11.99 15.57
C PRO A 206 -13.83 12.43 14.89
N ALA A 207 -12.82 11.58 14.75
CA ALA A 207 -11.52 12.07 14.29
C ALA A 207 -11.65 12.63 12.87
N PRO A 208 -11.05 13.80 12.59
CA PRO A 208 -11.26 14.42 11.28
C PRO A 208 -10.33 13.96 10.19
N LYS A 209 -9.23 13.26 10.51
CA LYS A 209 -8.20 13.00 9.49
C LYS A 209 -7.64 11.61 9.70
N VAL A 210 -8.45 10.60 9.42
CA VAL A 210 -8.02 9.22 9.57
C VAL A 210 -8.14 8.50 8.24
N ARG A 211 -7.35 7.43 8.12
CA ARG A 211 -7.44 6.54 6.98
C ARG A 211 -7.73 5.12 7.47
N THR A 212 -6.69 4.41 7.90
CA THR A 212 -6.80 3.13 8.60
C THR A 212 -7.90 2.24 8.00
N SER A 213 -8.71 1.60 8.85
CA SER A 213 -9.71 0.65 8.39
C SER A 213 -10.89 1.32 7.65
N ILE A 214 -11.00 2.63 7.70
CA ILE A 214 -12.03 3.30 6.89
C ILE A 214 -11.67 3.21 5.42
N VAL A 215 -10.41 3.51 5.07
CA VAL A 215 -9.94 3.27 3.72
C VAL A 215 -10.17 1.82 3.32
N ASP A 216 -9.81 0.88 4.19
CA ASP A 216 -9.89 -0.53 3.79
C ASP A 216 -11.34 -0.99 3.65
N SER A 217 -12.18 -0.66 4.62
CA SER A 217 -13.54 -1.17 4.60
C SER A 217 -14.40 -0.46 3.55
N LEU A 218 -13.97 0.69 3.05
CA LEU A 218 -14.68 1.35 1.96
C LEU A 218 -14.03 1.11 0.58
N SER A 219 -12.99 0.28 0.49
CA SER A 219 -12.20 0.22 -0.75
C SER A 219 -13.00 -0.34 -1.91
N MET A 220 -14.01 -1.17 -1.66
CA MET A 220 -14.82 -1.69 -2.76
C MET A 220 -15.70 -0.62 -3.37
N LEU A 221 -16.02 0.42 -2.60
CA LEU A 221 -16.75 1.57 -3.12
C LEU A 221 -15.84 2.63 -3.69
N SER A 222 -14.66 2.84 -3.11
CA SER A 222 -13.76 3.89 -3.56
C SER A 222 -12.90 3.46 -4.73
N GLY A 223 -12.65 2.16 -4.87
CA GLY A 223 -11.71 1.67 -5.84
C GLY A 223 -10.26 1.80 -5.43
N ASP A 224 -9.98 2.10 -4.16
CA ASP A 224 -8.61 2.20 -3.69
C ASP A 224 -7.98 0.80 -3.69
N GLU A 225 -7.05 0.57 -4.64
CA GLU A 225 -6.46 -0.75 -4.81
C GLU A 225 -5.62 -1.15 -3.61
N ALA A 226 -5.03 -0.18 -2.90
CA ALA A 226 -4.26 -0.52 -1.70
C ALA A 226 -5.18 -1.07 -0.63
N GLY A 227 -6.34 -0.45 -0.44
CA GLY A 227 -7.32 -0.97 0.50
C GLY A 227 -7.87 -2.32 0.08
N LEU A 228 -8.14 -2.49 -1.21
CA LEU A 228 -8.68 -3.76 -1.67
C LEU A 228 -7.65 -4.87 -1.43
N ALA A 229 -6.37 -4.56 -1.60
CA ALA A 229 -5.31 -5.52 -1.32
C ALA A 229 -5.22 -5.86 0.16
N VAL A 230 -5.52 -4.91 1.05
CA VAL A 230 -5.55 -5.20 2.48
C VAL A 230 -6.66 -6.21 2.77
N LEU A 231 -7.86 -6.00 2.20
CA LEU A 231 -8.97 -6.93 2.43
C LEU A 231 -8.62 -8.33 1.91
N ARG A 232 -8.12 -8.40 0.68
CA ARG A 232 -7.74 -9.70 0.12
C ARG A 232 -6.62 -10.33 0.94
N GLY A 233 -5.70 -9.52 1.44
CA GLY A 233 -4.64 -10.06 2.28
C GLY A 233 -5.17 -10.66 3.56
N ILE A 234 -6.09 -9.96 4.24
CA ILE A 234 -6.67 -10.49 5.46
C ILE A 234 -7.28 -11.86 5.17
N GLU A 235 -8.05 -11.96 4.09
CA GLU A 235 -8.71 -13.24 3.81
C GLU A 235 -7.68 -14.32 3.52
N THR A 236 -6.73 -14.03 2.64
CA THR A 236 -5.73 -15.02 2.24
C THR A 236 -4.92 -15.51 3.43
N THR A 237 -4.52 -14.61 4.34
CA THR A 237 -3.62 -15.01 5.41
C THR A 237 -4.33 -15.53 6.66
N SER A 238 -5.62 -15.20 6.86
CA SER A 238 -6.32 -15.57 8.06
C SER A 238 -7.49 -16.52 7.84
N GLY A 239 -7.98 -16.66 6.62
CA GLY A 239 -9.07 -17.58 6.33
C GLY A 239 -10.46 -16.99 6.39
N ALA A 240 -10.59 -15.69 6.64
CA ALA A 240 -11.89 -15.04 6.57
C ALA A 240 -11.65 -13.55 6.40
N LEU A 241 -12.73 -12.81 6.19
CA LEU A 241 -12.69 -11.35 6.31
C LEU A 241 -13.59 -11.00 7.49
N GLN A 242 -13.01 -10.57 8.60
CA GLN A 242 -13.74 -10.39 9.84
C GLN A 242 -14.02 -8.91 10.07
N LEU A 243 -15.19 -8.61 10.66
CA LEU A 243 -15.62 -7.23 10.84
C LEU A 243 -16.21 -6.99 12.23
N VAL A 244 -16.05 -5.77 12.73
CA VAL A 244 -16.72 -5.31 13.93
C VAL A 244 -17.02 -3.82 13.78
N HIS A 245 -18.18 -3.37 14.28
CA HIS A 245 -18.55 -1.96 14.28
C HIS A 245 -17.83 -1.23 15.40
N ILE A 246 -17.34 -0.04 15.09
CA ILE A 246 -16.60 0.78 16.07
C ILE A 246 -17.38 0.94 17.37
N ASP A 247 -18.71 1.08 17.29
CA ASP A 247 -19.50 1.25 18.52
C ASP A 247 -19.41 0.00 19.42
N ASP A 248 -19.46 -1.19 18.79
CA ASP A 248 -19.35 -2.43 19.55
C ASP A 248 -17.96 -2.57 20.15
N LEU A 249 -16.91 -2.22 19.38
CA LEU A 249 -15.56 -2.26 19.94
C LEU A 249 -15.44 -1.35 21.16
N CYS A 250 -15.94 -0.12 21.04
CA CYS A 250 -15.84 0.82 22.15
C CYS A 250 -16.63 0.33 23.36
N ARG A 251 -17.85 -0.18 23.13
CA ARG A 251 -18.61 -0.78 24.24
C ARG A 251 -17.85 -1.95 24.85
N ALA A 252 -17.21 -2.77 24.02
CA ALA A 252 -16.47 -3.90 24.56
C ALA A 252 -15.30 -3.42 25.41
N GLU A 253 -14.61 -2.36 24.98
CA GLU A 253 -13.51 -1.85 25.80
C GLU A 253 -14.00 -1.34 27.14
N LEU A 254 -15.09 -0.57 27.15
CA LEU A 254 -15.63 -0.11 28.45
C LEU A 254 -16.09 -1.29 29.29
N PHE A 255 -16.74 -2.28 28.65
CA PHE A 255 -17.18 -3.47 29.39
C PHE A 255 -16.01 -4.16 30.06
N LEU A 256 -14.92 -4.38 29.31
CA LEU A 256 -13.78 -5.09 29.89
C LEU A 256 -13.08 -4.26 30.95
N ALA A 257 -13.15 -2.93 30.85
CA ALA A 257 -12.61 -2.08 31.91
C ALA A 257 -13.41 -2.25 33.20
N GLU A 258 -14.73 -2.28 33.07
CA GLU A 258 -15.64 -2.22 34.21
C GLU A 258 -15.92 -3.58 34.84
N GLU A 259 -15.82 -4.68 34.08
CA GLU A 259 -16.25 -5.98 34.57
C GLU A 259 -15.14 -6.63 35.39
N ALA A 260 -15.28 -6.65 36.73
CA ALA A 260 -14.20 -7.11 37.58
C ALA A 260 -13.74 -8.52 37.23
N ALA A 261 -14.66 -9.40 36.84
CA ALA A 261 -14.32 -10.79 36.56
C ALA A 261 -13.59 -10.98 35.25
N ALA A 262 -13.56 -9.97 34.38
CA ALA A 262 -12.86 -10.13 33.11
C ALA A 262 -11.35 -10.23 33.36
N GLY A 263 -10.69 -11.06 32.55
CA GLY A 263 -9.25 -11.14 32.66
C GLY A 263 -8.60 -11.68 31.42
N GLY A 264 -7.38 -11.22 31.12
CA GLY A 264 -6.65 -11.80 30.02
C GLY A 264 -7.01 -11.19 28.67
N ARG A 265 -6.99 -12.01 27.65
CA ARG A 265 -7.09 -11.59 26.25
C ARG A 265 -8.50 -11.82 25.72
N TYR A 266 -8.98 -10.92 24.85
CA TYR A 266 -10.33 -11.05 24.27
C TYR A 266 -10.29 -10.68 22.81
N ILE A 267 -10.77 -11.60 21.96
CA ILE A 267 -11.04 -11.26 20.56
C ILE A 267 -12.30 -10.41 20.52
N CYS A 268 -12.32 -9.41 19.64
CA CYS A 268 -13.52 -8.61 19.45
C CYS A 268 -13.86 -8.66 17.96
N CYS A 269 -14.95 -9.34 17.64
CA CYS A 269 -15.28 -9.67 16.26
C CYS A 269 -16.77 -9.98 16.23
N SER A 270 -17.52 -9.29 15.37
CA SER A 270 -18.94 -9.55 15.26
C SER A 270 -19.27 -10.59 14.20
N LEU A 271 -18.63 -10.51 13.02
CA LEU A 271 -18.99 -11.29 11.86
C LEU A 271 -17.75 -11.76 11.12
N ASN A 272 -17.78 -13.02 10.68
CA ASN A 272 -16.79 -13.59 9.78
C ASN A 272 -17.44 -13.70 8.41
N THR A 273 -16.93 -12.95 7.43
CA THR A 273 -17.46 -13.01 6.08
C THR A 273 -16.30 -13.28 5.13
N THR A 274 -16.47 -12.92 3.85
CA THR A 274 -15.46 -13.14 2.82
C THR A 274 -15.40 -11.91 1.92
N VAL A 275 -14.34 -11.82 1.11
CA VAL A 275 -14.24 -10.73 0.14
C VAL A 275 -15.44 -10.74 -0.80
N VAL A 276 -15.77 -11.93 -1.33
CA VAL A 276 -16.83 -12.00 -2.34
C VAL A 276 -18.18 -11.67 -1.71
N GLU A 277 -18.45 -12.19 -0.52
CA GLU A 277 -19.74 -11.89 0.12
C GLU A 277 -19.84 -10.39 0.42
N LEU A 278 -18.75 -9.79 0.88
CA LEU A 278 -18.78 -8.37 1.18
C LEU A 278 -19.00 -7.52 -0.06
N ALA A 279 -18.34 -7.86 -1.17
CA ALA A 279 -18.49 -7.11 -2.42
C ALA A 279 -19.93 -7.19 -2.92
N ARG A 280 -20.49 -8.41 -2.94
CA ARG A 280 -21.88 -8.56 -3.37
C ARG A 280 -22.82 -7.75 -2.51
N PHE A 281 -22.61 -7.78 -1.18
CA PHE A 281 -23.43 -6.99 -0.27
C PHE A 281 -23.34 -5.50 -0.58
N LEU A 282 -22.12 -4.98 -0.73
CA LEU A 282 -21.95 -3.55 -0.98
C LEU A 282 -22.44 -3.15 -2.36
N ALA A 283 -22.28 -4.01 -3.37
CA ALA A 283 -22.76 -3.69 -4.71
C ALA A 283 -24.28 -3.51 -4.71
N HIS A 284 -24.96 -4.32 -3.90
CA HIS A 284 -26.42 -4.25 -3.80
C HIS A 284 -26.87 -3.07 -2.96
N LYS A 285 -26.17 -2.79 -1.86
CA LYS A 285 -26.59 -1.74 -0.95
C LYS A 285 -26.28 -0.36 -1.50
N TYR A 286 -25.16 -0.22 -2.22
CA TYR A 286 -24.67 1.09 -2.67
C TYR A 286 -24.37 1.06 -4.16
N PRO A 287 -25.37 0.81 -5.00
CA PRO A 287 -25.11 0.73 -6.44
C PRO A 287 -24.70 2.04 -7.09
N GLN A 288 -24.81 3.17 -6.39
CA GLN A 288 -24.31 4.44 -6.93
C GLN A 288 -22.79 4.48 -6.99
N TYR A 289 -22.10 3.50 -6.41
CA TYR A 289 -20.66 3.33 -6.58
C TYR A 289 -20.40 2.15 -7.52
N ARG A 290 -19.23 2.14 -8.15
CA ARG A 290 -18.89 1.05 -9.06
C ARG A 290 -18.20 -0.04 -8.26
N VAL A 291 -18.94 -1.07 -7.87
CA VAL A 291 -18.42 -2.15 -7.03
C VAL A 291 -18.18 -3.36 -7.91
N LYS A 292 -16.95 -3.87 -7.93
CA LYS A 292 -16.64 -5.08 -8.69
C LYS A 292 -17.10 -6.30 -7.91
N THR A 293 -17.85 -7.18 -8.59
CA THR A 293 -18.34 -8.42 -7.98
C THR A 293 -18.03 -9.67 -8.75
N ASN A 294 -17.72 -9.57 -10.04
CA ASN A 294 -17.33 -10.72 -10.85
C ASN A 294 -15.81 -10.87 -10.74
N PHE A 295 -15.36 -11.96 -10.13
CA PHE A 295 -13.95 -12.17 -9.84
C PHE A 295 -13.41 -13.31 -10.69
N ASP A 296 -12.35 -13.03 -11.45
CA ASP A 296 -11.65 -14.07 -12.19
C ASP A 296 -10.98 -15.05 -11.24
N ASP A 297 -11.78 -15.86 -10.56
CA ASP A 297 -11.24 -16.81 -9.59
C ASP A 297 -10.40 -16.09 -8.54
N ASP A 298 -9.27 -15.53 -8.96
CA ASP A 298 -8.22 -15.09 -8.03
C ASP A 298 -7.94 -16.21 -7.03
N GLU A 299 -8.14 -17.45 -7.47
CA GLU A 299 -8.14 -18.66 -6.64
C GLU A 299 -8.44 -18.34 -5.19
N HIS A 300 -7.49 -17.67 -4.54
CA HIS A 300 -7.57 -17.35 -3.12
C HIS A 300 -8.98 -17.01 -2.65
N LEU A 301 -9.79 -16.37 -3.50
CA LEU A 301 -11.08 -15.88 -3.03
C LEU A 301 -11.95 -17.04 -2.57
N LEU A 302 -12.26 -17.03 -1.28
CA LEU A 302 -13.04 -18.07 -0.66
C LEU A 302 -14.50 -17.96 -1.06
N GLU A 303 -15.21 -19.09 -1.08
CA GLU A 303 -16.67 -19.01 -1.16
C GLU A 303 -17.32 -18.89 0.21
N ARG A 304 -16.61 -19.23 1.28
CA ARG A 304 -17.07 -19.03 2.64
C ARG A 304 -15.86 -19.12 3.56
N PRO A 305 -15.93 -18.62 4.78
CA PRO A 305 -14.74 -18.64 5.63
C PRO A 305 -14.21 -20.06 5.83
N ARG A 306 -12.88 -20.19 5.74
CA ARG A 306 -12.19 -21.45 6.05
C ARG A 306 -11.75 -21.52 7.50
N VAL A 307 -11.51 -20.36 8.11
CA VAL A 307 -11.15 -20.22 9.51
C VAL A 307 -11.97 -19.06 10.04
N ILE A 308 -12.62 -19.22 11.17
CA ILE A 308 -13.36 -18.10 11.76
C ILE A 308 -12.73 -17.66 13.07
N MET A 309 -12.91 -16.37 13.39
CA MET A 309 -12.49 -15.82 14.67
C MET A 309 -13.68 -15.89 15.62
N SER A 310 -13.49 -16.53 16.78
CA SER A 310 -14.55 -16.71 17.75
C SER A 310 -14.48 -15.64 18.83
N SER A 311 -15.60 -14.94 19.05
CA SER A 311 -15.72 -14.01 20.16
C SER A 311 -16.50 -14.61 21.32
N GLU A 312 -16.52 -15.92 21.45
CA GLU A 312 -17.31 -16.55 22.51
C GLU A 312 -16.81 -16.18 23.90
N LYS A 313 -15.50 -15.99 24.09
CA LYS A 313 -15.01 -15.64 25.42
C LYS A 313 -15.62 -14.34 25.88
N LEU A 314 -15.63 -13.32 25.01
CA LEU A 314 -16.18 -12.02 25.38
C LEU A 314 -17.69 -12.10 25.59
N VAL A 315 -18.38 -12.83 24.71
CA VAL A 315 -19.84 -12.92 24.81
C VAL A 315 -20.25 -13.64 26.10
N ARG A 316 -19.54 -14.71 26.45
CA ARG A 316 -19.89 -15.42 27.68
C ARG A 316 -19.50 -14.67 28.94
N GLU A 317 -18.64 -13.66 28.82
CA GLU A 317 -18.38 -12.74 29.92
C GLU A 317 -19.60 -11.87 30.22
N GLY A 318 -20.55 -11.77 29.28
CA GLY A 318 -21.75 -10.99 29.46
C GLY A 318 -21.92 -9.87 28.45
N PHE A 319 -21.08 -9.83 27.43
CA PHE A 319 -21.12 -8.78 26.42
C PHE A 319 -21.97 -9.23 25.23
N GLU A 320 -22.68 -8.27 24.63
CA GLU A 320 -23.51 -8.52 23.45
C GLU A 320 -23.18 -7.51 22.36
N TYR A 321 -22.92 -8.00 21.16
CA TYR A 321 -22.79 -7.11 20.01
C TYR A 321 -24.15 -6.56 19.61
N ARG A 322 -24.17 -5.31 19.16
CA ARG A 322 -25.41 -4.72 18.65
C ARG A 322 -25.43 -4.61 17.14
N HIS A 323 -24.28 -4.74 16.47
CA HIS A 323 -24.20 -4.63 15.02
C HIS A 323 -23.79 -6.00 14.53
N ASN A 324 -24.81 -6.80 14.18
CA ASN A 324 -24.65 -8.23 13.93
C ASN A 324 -24.76 -8.65 12.47
N THR A 325 -25.29 -7.80 11.59
CA THR A 325 -25.40 -8.09 10.18
C THR A 325 -24.51 -7.11 9.42
N LEU A 326 -24.24 -7.41 8.15
CA LEU A 326 -23.49 -6.47 7.32
C LEU A 326 -24.20 -5.12 7.25
N ASP A 327 -25.54 -5.10 7.10
CA ASP A 327 -26.25 -3.82 7.10
C ASP A 327 -25.98 -3.02 8.36
N GLU A 328 -25.96 -3.69 9.52
CA GLU A 328 -25.76 -3.02 10.79
C GLU A 328 -24.31 -2.59 10.97
N ILE A 329 -23.37 -3.39 10.47
CA ILE A 329 -21.95 -3.01 10.57
C ILE A 329 -21.64 -1.83 9.64
N TYR A 330 -22.33 -1.71 8.51
CA TYR A 330 -22.13 -0.61 7.57
C TYR A 330 -23.19 0.49 7.73
N ASP A 331 -23.73 0.66 8.93
CA ASP A 331 -24.83 1.60 9.08
C ASP A 331 -24.43 3.07 8.95
N ASN A 332 -23.14 3.41 9.10
CA ASN A 332 -22.82 4.85 9.08
C ASN A 332 -21.42 5.13 8.54
N VAL A 333 -20.69 4.14 8.05
CA VAL A 333 -19.32 4.38 7.64
C VAL A 333 -19.25 5.13 6.33
N VAL A 334 -20.25 4.98 5.45
CA VAL A 334 -20.18 5.67 4.15
C VAL A 334 -20.23 7.17 4.34
N GLU A 335 -21.09 7.65 5.25
CA GLU A 335 -21.13 9.10 5.52
C GLU A 335 -19.81 9.59 6.08
N TYR A 336 -19.16 8.77 6.92
CA TYR A 336 -17.84 9.16 7.43
C TYR A 336 -16.83 9.22 6.29
N GLY A 337 -16.84 8.22 5.40
CA GLY A 337 -15.91 8.23 4.28
C GLY A 337 -16.10 9.46 3.41
N LYS A 338 -17.36 9.87 3.19
CA LYS A 338 -17.61 11.09 2.44
C LYS A 338 -17.07 12.30 3.18
N ALA A 339 -17.28 12.36 4.49
CA ALA A 339 -16.83 13.51 5.26
C ALA A 339 -15.31 13.61 5.23
N LEU A 340 -14.63 12.45 5.24
CA LEU A 340 -13.17 12.39 5.16
C LEU A 340 -12.63 12.61 3.75
N GLY A 341 -13.47 12.64 2.74
CA GLY A 341 -12.97 12.69 1.38
C GLY A 341 -12.44 11.40 0.81
N ILE A 342 -12.58 10.28 1.54
CA ILE A 342 -12.22 8.97 1.00
C ILE A 342 -13.16 8.59 -0.13
N LEU A 343 -14.42 9.01 -0.05
CA LEU A 343 -15.42 8.82 -1.08
C LEU A 343 -15.76 10.16 -1.71
N PRO A 344 -15.89 10.18 -3.05
CA PRO A 344 -16.08 11.46 -3.75
C PRO A 344 -17.48 12.02 -3.69
N TYR A 345 -18.48 11.20 -3.37
CA TYR A 345 -19.88 11.60 -3.29
C TYR A 345 -20.63 10.53 -2.49
N THR B 8 -1.61 3.82 -46.25
CA THR B 8 -0.94 3.52 -44.99
C THR B 8 -0.53 2.04 -44.88
N THR B 9 -0.71 1.30 -45.98
CA THR B 9 -0.46 -0.14 -45.95
C THR B 9 1.03 -0.44 -45.73
N LYS B 10 1.92 0.40 -46.27
CA LYS B 10 3.36 0.17 -46.19
C LYS B 10 4.01 0.94 -45.05
N LEU B 11 3.24 1.27 -44.03
CA LEU B 11 3.80 1.93 -42.86
C LEU B 11 4.57 0.92 -42.02
N LYS B 12 5.70 1.34 -41.47
CA LYS B 12 6.36 0.52 -40.47
C LYS B 12 5.41 0.33 -39.28
N THR B 13 5.45 -0.85 -38.66
CA THR B 13 4.41 -1.23 -37.71
C THR B 13 5.03 -1.66 -36.39
N ALA B 14 4.50 -1.10 -35.30
CA ALA B 14 4.99 -1.36 -33.95
C ALA B 14 3.93 -2.10 -33.16
N CYS B 15 4.36 -3.06 -32.35
CA CYS B 15 3.47 -3.74 -31.44
C CYS B 15 3.71 -3.20 -30.03
N VAL B 16 2.63 -2.90 -29.31
CA VAL B 16 2.73 -2.48 -27.91
C VAL B 16 1.86 -3.42 -27.07
N THR B 17 2.48 -4.13 -26.13
CA THR B 17 1.74 -5.03 -25.26
C THR B 17 1.17 -4.27 -24.08
N GLY B 18 -0.12 -4.48 -23.82
CA GLY B 18 -0.81 -3.85 -22.70
C GLY B 18 -1.24 -2.43 -22.97
N GLY B 19 -2.09 -2.23 -23.98
CA GLY B 19 -2.49 -0.90 -24.40
C GLY B 19 -3.34 -0.15 -23.40
N ASN B 20 -3.92 -0.84 -22.42
CA ASN B 20 -4.66 -0.19 -21.36
C ASN B 20 -3.77 0.33 -20.24
N GLY B 21 -2.52 -0.10 -20.16
CA GLY B 21 -1.64 0.33 -19.10
C GLY B 21 -1.20 1.77 -19.26
N TYR B 22 -0.64 2.32 -18.18
CA TYR B 22 -0.15 3.69 -18.15
C TYR B 22 0.88 3.96 -19.26
N ILE B 23 2.03 3.30 -19.19
CA ILE B 23 3.08 3.57 -20.16
C ILE B 23 2.66 3.09 -21.54
N GLY B 24 1.98 1.95 -21.60
CA GLY B 24 1.56 1.40 -22.88
C GLY B 24 0.69 2.36 -23.67
N SER B 25 -0.29 2.99 -22.99
CA SER B 25 -1.20 3.91 -23.68
C SER B 25 -0.49 5.14 -24.20
N ALA B 26 0.43 5.68 -23.39
CA ALA B 26 1.20 6.84 -23.84
C ALA B 26 2.09 6.47 -25.01
N LEU B 27 2.67 5.28 -24.98
CA LEU B 27 3.57 4.86 -26.04
C LEU B 27 2.81 4.65 -27.34
N ILE B 28 1.64 4.04 -27.26
CA ILE B 28 0.77 3.93 -28.45
C ILE B 28 0.53 5.31 -29.04
N LYS B 29 0.08 6.27 -28.20
CA LYS B 29 -0.23 7.59 -28.70
C LYS B 29 0.97 8.19 -29.42
N MET B 30 2.15 8.10 -28.81
CA MET B 30 3.31 8.72 -29.42
C MET B 30 3.68 8.03 -30.74
N LEU B 31 3.66 6.69 -30.75
CA LEU B 31 3.93 5.96 -31.99
C LEU B 31 3.02 6.41 -33.12
N LEU B 32 1.73 6.60 -32.83
CA LEU B 32 0.79 7.03 -33.86
C LEU B 32 1.09 8.45 -34.32
N GLU B 33 1.34 9.35 -33.36
CA GLU B 33 1.70 10.73 -33.70
C GLU B 33 2.93 10.78 -34.59
N GLU B 34 3.90 9.90 -34.35
CA GLU B 34 5.15 9.94 -35.11
C GLU B 34 5.07 9.16 -36.41
N GLY B 35 3.90 8.61 -36.74
CA GLY B 35 3.65 8.09 -38.07
C GLY B 35 3.69 6.59 -38.22
N TYR B 36 3.83 5.85 -37.13
CA TYR B 36 3.81 4.39 -37.18
C TYR B 36 2.38 3.86 -37.26
N ALA B 37 2.24 2.68 -37.86
CA ALA B 37 1.08 1.86 -37.58
C ALA B 37 1.34 1.07 -36.30
N VAL B 38 0.28 0.77 -35.56
CA VAL B 38 0.44 0.15 -34.25
C VAL B 38 -0.53 -1.00 -34.12
N LYS B 39 -0.05 -2.09 -33.53
CA LYS B 39 -0.92 -3.16 -33.05
C LYS B 39 -0.69 -3.30 -31.56
N THR B 40 -1.77 -3.35 -30.78
CA THR B 40 -1.65 -3.46 -29.34
C THR B 40 -2.49 -4.62 -28.82
N THR B 41 -2.01 -5.24 -27.74
CA THR B 41 -2.77 -6.28 -27.06
C THR B 41 -3.36 -5.73 -25.76
N VAL B 42 -4.57 -6.17 -25.45
CA VAL B 42 -5.17 -5.95 -24.14
C VAL B 42 -5.78 -7.29 -23.73
N ARG B 43 -6.07 -7.43 -22.44
CA ARG B 43 -6.60 -8.71 -22.00
C ARG B 43 -8.10 -8.85 -22.24
N ASN B 44 -8.82 -7.75 -22.34
CA ASN B 44 -10.26 -7.80 -22.65
C ASN B 44 -10.64 -6.55 -23.43
N PRO B 45 -10.59 -6.62 -24.76
CA PRO B 45 -10.90 -5.42 -25.57
C PRO B 45 -12.29 -4.88 -25.36
N ASP B 46 -13.22 -5.66 -24.81
CA ASP B 46 -14.60 -5.17 -24.65
C ASP B 46 -14.78 -4.38 -23.36
N ASP B 47 -13.85 -4.52 -22.41
CA ASP B 47 -13.91 -3.80 -21.15
C ASP B 47 -13.65 -2.32 -21.41
N MET B 48 -14.73 -1.54 -21.49
CA MET B 48 -14.60 -0.13 -21.84
C MET B 48 -14.19 0.73 -20.65
N GLU B 49 -14.34 0.23 -19.42
CA GLU B 49 -13.81 0.96 -18.29
C GLU B 49 -12.29 1.07 -18.37
N LYS B 50 -11.63 0.07 -18.96
CA LYS B 50 -10.19 0.03 -19.10
C LYS B 50 -9.71 0.53 -20.45
N ASN B 51 -10.50 0.31 -21.51
CA ASN B 51 -10.05 0.56 -22.87
C ASN B 51 -10.87 1.60 -23.62
N SER B 52 -11.67 2.42 -22.91
CA SER B 52 -12.45 3.44 -23.60
C SER B 52 -11.59 4.43 -24.38
N HIS B 53 -10.26 4.42 -24.18
CA HIS B 53 -9.36 5.34 -24.87
C HIS B 53 -8.91 4.84 -26.24
N LEU B 54 -9.07 3.55 -26.53
CA LEU B 54 -8.52 3.01 -27.78
C LEU B 54 -9.25 3.56 -28.99
N LYS B 55 -10.56 3.78 -28.88
CA LYS B 55 -11.31 4.38 -29.98
C LYS B 55 -10.75 5.74 -30.37
N GLY B 56 -10.47 6.59 -29.38
CA GLY B 56 -9.89 7.89 -29.67
C GLY B 56 -8.51 7.80 -30.29
N LEU B 57 -7.68 6.88 -29.79
CA LEU B 57 -6.36 6.70 -30.36
C LEU B 57 -6.44 6.25 -31.81
N GLN B 58 -7.47 5.46 -32.15
CA GLN B 58 -7.65 5.05 -33.53
C GLN B 58 -7.85 6.23 -34.47
N GLU B 59 -8.22 7.39 -33.94
CA GLU B 59 -8.32 8.59 -34.75
C GLU B 59 -6.96 9.17 -35.14
N LEU B 60 -5.90 8.84 -34.41
CA LEU B 60 -4.59 9.44 -34.67
C LEU B 60 -3.76 8.70 -35.71
N GLY B 61 -4.11 7.45 -35.99
CA GLY B 61 -3.39 6.66 -36.95
C GLY B 61 -3.94 5.25 -36.98
N PRO B 62 -3.36 4.38 -37.80
CA PRO B 62 -3.84 2.99 -37.86
C PRO B 62 -3.51 2.22 -36.60
N LEU B 63 -4.55 1.81 -35.88
CA LEU B 63 -4.37 1.14 -34.60
C LEU B 63 -5.27 -0.08 -34.57
N THR B 64 -4.67 -1.25 -34.36
CA THR B 64 -5.40 -2.50 -34.27
C THR B 64 -5.33 -3.05 -32.85
N VAL B 65 -6.46 -3.50 -32.33
CA VAL B 65 -6.58 -3.98 -30.95
C VAL B 65 -6.81 -5.48 -30.98
N LEU B 66 -5.94 -6.23 -30.30
CA LEU B 66 -6.04 -7.67 -30.21
C LEU B 66 -6.11 -8.09 -28.75
N ARG B 67 -6.72 -9.25 -28.51
CA ARG B 67 -6.84 -9.81 -27.17
C ARG B 67 -5.72 -10.80 -26.93
N ALA B 68 -5.01 -10.66 -25.82
CA ALA B 68 -3.92 -11.57 -25.49
C ALA B 68 -3.60 -11.49 -24.02
N ASP B 69 -3.21 -12.62 -23.45
CA ASP B 69 -2.69 -12.71 -22.08
C ASP B 69 -1.24 -13.17 -22.18
N MET B 70 -0.31 -12.35 -21.69
CA MET B 70 1.10 -12.63 -21.88
C MET B 70 1.51 -13.93 -21.19
N ASP B 71 0.68 -14.43 -20.28
CA ASP B 71 0.96 -15.63 -19.51
C ASP B 71 0.67 -16.91 -20.30
N GLU B 72 0.02 -16.80 -21.46
CA GLU B 72 -0.32 -17.95 -22.29
C GLU B 72 0.65 -18.00 -23.45
N GLU B 73 1.36 -19.12 -23.59
CA GLU B 73 2.32 -19.24 -24.67
C GLU B 73 1.65 -19.01 -26.02
N GLY B 74 2.32 -18.25 -26.88
CA GLY B 74 1.85 -17.95 -28.21
C GLY B 74 0.75 -16.92 -28.32
N SER B 75 0.25 -16.40 -27.20
CA SER B 75 -0.84 -15.42 -27.25
C SER B 75 -0.46 -14.21 -28.09
N LEU B 76 0.82 -13.88 -28.17
CA LEU B 76 1.27 -12.68 -28.84
C LEU B 76 1.57 -12.91 -30.31
N ASP B 77 1.49 -14.15 -30.78
CA ASP B 77 1.85 -14.45 -32.17
C ASP B 77 1.15 -13.53 -33.16
N ASP B 78 -0.18 -13.47 -33.10
CA ASP B 78 -0.95 -12.71 -34.09
C ASP B 78 -0.66 -11.21 -34.02
N ALA B 79 -0.58 -10.66 -32.81
CA ALA B 79 -0.41 -9.21 -32.68
C ALA B 79 0.93 -8.74 -33.22
N VAL B 80 2.01 -9.49 -32.94
CA VAL B 80 3.33 -9.05 -33.36
C VAL B 80 3.64 -9.47 -34.78
N ALA B 81 2.80 -10.34 -35.35
CA ALA B 81 2.99 -10.73 -36.74
C ALA B 81 2.97 -9.49 -37.63
N GLY B 82 3.96 -9.40 -38.52
CA GLY B 82 4.05 -8.30 -39.46
C GLY B 82 4.58 -7.02 -38.88
N CYS B 83 5.04 -7.04 -37.63
CA CYS B 83 5.54 -5.83 -36.99
C CYS B 83 7.05 -5.72 -37.19
N ASP B 84 7.51 -4.48 -37.32
CA ASP B 84 8.93 -4.16 -37.40
C ASP B 84 9.57 -4.00 -36.02
N TYR B 85 8.79 -3.53 -35.06
CA TYR B 85 9.27 -3.30 -33.70
C TYR B 85 8.25 -3.86 -32.72
N ALA B 86 8.75 -4.39 -31.60
CA ALA B 86 7.88 -4.87 -30.52
C ALA B 86 8.28 -4.15 -29.24
N PHE B 87 7.31 -3.48 -28.62
CA PHE B 87 7.53 -2.78 -27.37
C PHE B 87 6.87 -3.62 -26.27
N LEU B 88 7.68 -4.35 -25.53
CA LEU B 88 7.18 -5.26 -24.52
C LEU B 88 7.03 -4.49 -23.22
N VAL B 89 5.85 -3.91 -23.03
CA VAL B 89 5.59 -3.04 -21.89
C VAL B 89 4.83 -3.79 -20.80
N ALA B 90 3.78 -4.51 -21.18
CA ALA B 90 2.98 -5.23 -20.21
C ALA B 90 3.86 -6.19 -19.40
N ALA B 91 3.53 -6.35 -18.12
CA ALA B 91 4.26 -7.27 -17.26
C ALA B 91 3.52 -7.36 -15.94
N PRO B 92 3.75 -8.42 -15.16
CA PRO B 92 3.19 -8.41 -13.79
C PRO B 92 3.76 -7.22 -13.04
N VAL B 93 2.89 -6.50 -12.32
CA VAL B 93 3.36 -5.30 -11.65
C VAL B 93 2.95 -5.35 -10.18
N ASN B 94 3.22 -6.48 -9.51
CA ASN B 94 2.92 -6.63 -8.09
C ASN B 94 4.14 -6.22 -7.27
N LEU B 95 4.09 -5.03 -6.68
CA LEU B 95 5.18 -4.62 -5.80
C LEU B 95 5.18 -5.45 -4.53
N TRP B 96 4.00 -5.75 -3.99
CA TRP B 96 3.86 -6.38 -2.69
C TRP B 96 3.03 -7.67 -2.77
N ALA B 97 3.43 -8.60 -3.62
CA ALA B 97 2.65 -9.82 -3.80
C ALA B 97 2.64 -10.68 -2.54
N GLN B 98 1.49 -11.34 -2.29
CA GLN B 98 1.41 -12.28 -1.19
C GLN B 98 2.43 -13.40 -1.33
N ASP B 99 2.64 -13.90 -2.55
CA ASP B 99 3.54 -15.01 -2.84
C ASP B 99 4.37 -14.62 -4.05
N PRO B 100 5.38 -13.78 -3.87
CA PRO B 100 6.03 -13.18 -5.04
C PRO B 100 6.72 -14.17 -5.97
N GLU B 101 7.24 -15.28 -5.46
CA GLU B 101 7.82 -16.27 -6.36
C GLU B 101 6.81 -16.74 -7.38
N LYS B 102 5.57 -17.01 -6.95
CA LYS B 102 4.53 -17.55 -7.81
C LYS B 102 3.75 -16.49 -8.56
N GLN B 103 3.51 -15.33 -7.95
CA GLN B 103 2.64 -14.33 -8.53
C GLN B 103 3.40 -13.24 -9.27
N GLN B 104 4.70 -13.11 -9.03
CA GLN B 104 5.44 -11.99 -9.63
C GLN B 104 6.67 -12.46 -10.40
N ILE B 105 7.52 -13.25 -9.74
CA ILE B 105 8.81 -13.61 -10.35
C ILE B 105 8.61 -14.61 -11.48
N GLU B 106 8.05 -15.78 -11.18
CA GLU B 106 7.89 -16.78 -12.22
C GLU B 106 7.04 -16.29 -13.38
N PRO B 107 5.89 -15.63 -13.16
CA PRO B 107 5.12 -15.14 -14.31
C PRO B 107 5.84 -14.07 -15.12
N SER B 108 6.62 -13.18 -14.50
CA SER B 108 7.37 -12.21 -15.29
C SER B 108 8.37 -12.89 -16.22
N VAL B 109 9.15 -13.84 -15.69
CA VAL B 109 10.14 -14.48 -16.56
C VAL B 109 9.45 -15.24 -17.69
N ARG B 110 8.44 -16.04 -17.36
CA ARG B 110 7.78 -16.85 -18.37
C ARG B 110 7.06 -15.97 -19.40
N GLY B 111 6.36 -14.94 -18.94
CA GLY B 111 5.64 -14.08 -19.87
C GLY B 111 6.56 -13.34 -20.80
N THR B 112 7.75 -12.93 -20.32
CA THR B 112 8.69 -12.26 -21.20
C THR B 112 9.25 -13.23 -22.23
N LEU B 113 9.54 -14.48 -21.83
CA LEU B 113 9.98 -15.45 -22.83
C LEU B 113 8.89 -15.74 -23.83
N ASN B 114 7.65 -15.96 -23.37
CA ASN B 114 6.52 -16.06 -24.29
C ASN B 114 6.55 -14.93 -25.31
N ALA B 115 6.69 -13.69 -24.83
CA ALA B 115 6.59 -12.55 -25.74
C ALA B 115 7.75 -12.53 -26.73
N VAL B 116 8.98 -12.70 -26.24
CA VAL B 116 10.13 -12.64 -27.15
C VAL B 116 10.05 -13.77 -28.16
N ARG B 117 9.59 -14.94 -27.72
CA ARG B 117 9.39 -16.07 -28.65
C ARG B 117 8.46 -15.67 -29.79
N SER B 118 7.34 -15.04 -29.45
CA SER B 118 6.43 -14.57 -30.50
C SER B 118 7.15 -13.63 -31.45
N CYS B 119 7.98 -12.72 -30.90
CA CYS B 119 8.71 -11.78 -31.75
C CYS B 119 9.62 -12.51 -32.72
N VAL B 120 10.33 -13.54 -32.25
CA VAL B 120 11.15 -14.34 -33.15
C VAL B 120 10.26 -15.04 -34.18
N LYS B 121 9.14 -15.60 -33.73
CA LYS B 121 8.24 -16.31 -34.64
C LYS B 121 7.80 -15.43 -35.80
N ALA B 122 7.49 -14.16 -35.53
CA ALA B 122 6.98 -13.29 -36.59
C ALA B 122 7.98 -13.12 -37.73
N GLY B 123 9.27 -13.26 -37.44
CA GLY B 123 10.32 -13.08 -38.43
C GLY B 123 10.58 -11.66 -38.90
N THR B 124 9.59 -10.78 -38.80
CA THR B 124 9.70 -9.41 -39.29
C THR B 124 10.26 -8.44 -38.25
N VAL B 125 10.31 -8.81 -36.97
CA VAL B 125 10.69 -7.85 -35.94
C VAL B 125 12.17 -7.52 -36.05
N ARG B 126 12.47 -6.25 -36.33
CA ARG B 126 13.85 -5.78 -36.43
C ARG B 126 14.48 -5.63 -35.04
N ARG B 127 13.69 -5.19 -34.06
CA ARG B 127 14.21 -4.98 -32.71
C ARG B 127 13.06 -5.12 -31.72
N VAL B 128 13.39 -5.73 -30.58
CA VAL B 128 12.50 -5.79 -29.43
C VAL B 128 12.98 -4.75 -28.44
N ILE B 129 12.07 -3.91 -27.97
CA ILE B 129 12.37 -2.95 -26.90
C ILE B 129 11.66 -3.45 -25.66
N LEU B 130 12.42 -3.89 -24.67
CA LEU B 130 11.87 -4.46 -23.44
C LEU B 130 11.86 -3.35 -22.38
N THR B 131 10.69 -3.08 -21.81
CA THR B 131 10.60 -2.12 -20.70
C THR B 131 10.75 -2.91 -19.41
N SER B 132 11.90 -2.76 -18.76
CA SER B 132 12.10 -3.32 -17.42
C SER B 132 11.93 -2.21 -16.40
N SER B 133 12.80 -2.12 -15.40
CA SER B 133 12.67 -1.05 -14.41
C SER B 133 14.04 -0.77 -13.79
N ALA B 134 14.20 0.47 -13.31
CA ALA B 134 15.34 0.77 -12.47
C ALA B 134 15.38 -0.12 -11.23
N ALA B 135 14.25 -0.76 -10.89
CA ALA B 135 14.29 -1.71 -9.79
C ALA B 135 15.24 -2.87 -10.09
N GLY B 136 15.57 -3.11 -11.35
CA GLY B 136 16.55 -4.13 -11.65
C GLY B 136 17.98 -3.65 -11.59
N VAL B 137 18.18 -2.38 -11.24
CA VAL B 137 19.50 -1.75 -11.28
C VAL B 137 20.04 -1.46 -9.90
N TYR B 138 19.24 -0.82 -9.05
CA TYR B 138 19.78 0.00 -7.99
C TYR B 138 19.74 -0.62 -6.60
N ILE B 139 19.36 -1.89 -6.45
CA ILE B 139 19.43 -2.52 -5.13
C ILE B 139 20.88 -2.94 -4.91
N ARG B 140 21.64 -2.10 -4.20
CA ARG B 140 23.09 -2.27 -4.06
C ARG B 140 23.50 -2.09 -2.61
N PRO B 141 23.29 -3.11 -1.77
CA PRO B 141 23.66 -2.98 -0.34
C PRO B 141 25.16 -3.03 -0.09
N ASP B 142 25.97 -3.29 -1.13
CA ASP B 142 27.41 -3.28 -1.01
C ASP B 142 27.99 -1.88 -1.07
N LEU B 143 27.24 -0.89 -1.54
CA LEU B 143 27.72 0.48 -1.61
C LEU B 143 27.36 1.23 -0.34
N GLN B 144 28.38 1.60 0.44
CA GLN B 144 28.20 2.35 1.68
C GLN B 144 28.60 3.81 1.47
N GLY B 145 27.96 4.69 2.25
CA GLY B 145 28.22 6.11 2.12
C GLY B 145 27.58 6.70 0.87
N ASP B 146 27.95 7.95 0.58
CA ASP B 146 27.41 8.68 -0.56
C ASP B 146 28.48 8.87 -1.62
N GLY B 147 28.15 9.68 -2.63
CA GLY B 147 29.02 9.89 -3.77
C GLY B 147 29.00 8.79 -4.81
N HIS B 148 28.04 7.87 -4.75
CA HIS B 148 27.97 6.78 -5.71
C HIS B 148 27.15 7.17 -6.93
N ALA B 149 27.51 6.63 -8.08
CA ALA B 149 26.77 6.83 -9.31
C ALA B 149 26.62 5.47 -9.98
N LEU B 150 25.38 5.07 -10.26
CA LEU B 150 25.12 3.78 -10.88
C LEU B 150 24.94 3.95 -12.38
N ASP B 151 25.40 2.95 -13.12
CA ASP B 151 25.07 2.87 -14.54
C ASP B 151 24.58 1.46 -14.85
N GLU B 152 24.51 1.14 -16.13
CA GLU B 152 23.89 -0.09 -16.60
C GLU B 152 24.67 -1.33 -16.21
N ASP B 153 25.88 -1.18 -15.68
CA ASP B 153 26.60 -2.33 -15.16
C ASP B 153 26.16 -2.72 -13.75
N SER B 154 25.34 -1.89 -13.10
CA SER B 154 24.79 -2.20 -11.80
C SER B 154 23.53 -3.05 -11.96
N TRP B 155 23.48 -4.15 -11.22
CA TRP B 155 22.34 -5.06 -11.20
C TRP B 155 21.87 -5.21 -9.75
N SER B 156 20.56 -5.30 -9.57
CA SER B 156 20.02 -5.46 -8.23
C SER B 156 20.46 -6.80 -7.63
N ASP B 157 20.80 -6.78 -6.35
CA ASP B 157 21.38 -7.93 -5.64
C ASP B 157 20.28 -8.92 -5.33
N VAL B 158 20.09 -9.91 -6.21
CA VAL B 158 19.00 -10.85 -6.06
C VAL B 158 19.17 -11.68 -4.79
N ASP B 159 20.40 -12.13 -4.52
CA ASP B 159 20.65 -12.97 -3.35
C ASP B 159 20.30 -12.22 -2.07
N PHE B 160 20.67 -10.95 -2.00
CA PHE B 160 20.32 -10.12 -0.84
C PHE B 160 18.82 -9.97 -0.72
N LEU B 161 18.15 -9.74 -1.86
CA LEU B 161 16.71 -9.52 -1.86
C LEU B 161 15.96 -10.75 -1.36
N ARG B 162 16.36 -11.94 -1.81
CA ARG B 162 15.68 -13.15 -1.36
C ARG B 162 16.02 -13.49 0.09
N ALA B 163 17.24 -13.18 0.53
CA ALA B 163 17.61 -13.45 1.92
C ALA B 163 16.87 -12.55 2.89
N ASN B 164 16.70 -11.27 2.55
CA ASN B 164 16.15 -10.30 3.50
C ASN B 164 14.72 -9.89 3.24
N LYS B 165 14.20 -10.11 2.04
CA LYS B 165 12.82 -9.84 1.65
C LYS B 165 12.28 -8.49 2.13
N PRO B 166 12.95 -7.38 1.82
CA PRO B 166 12.35 -6.08 2.04
C PRO B 166 11.10 -5.94 1.19
N PRO B 167 10.23 -4.98 1.50
CA PRO B 167 9.05 -4.77 0.66
C PRO B 167 9.50 -4.39 -0.75
N THR B 168 8.81 -4.95 -1.73
CA THR B 168 9.10 -4.84 -3.17
C THR B 168 10.17 -5.83 -3.59
N TRP B 169 10.70 -6.65 -2.67
CA TRP B 169 11.76 -7.57 -3.07
C TRP B 169 11.36 -8.41 -4.29
N GLY B 170 10.10 -8.86 -4.34
CA GLY B 170 9.71 -9.74 -5.44
C GLY B 170 9.72 -9.02 -6.78
N TYR B 171 9.28 -7.76 -6.79
CA TYR B 171 9.31 -6.97 -8.01
C TYR B 171 10.73 -6.77 -8.50
N CYS B 172 11.64 -6.34 -7.60
CA CYS B 172 13.03 -6.14 -7.97
C CYS B 172 13.65 -7.41 -8.54
N VAL B 173 13.44 -8.54 -7.85
CA VAL B 173 13.98 -9.80 -8.32
C VAL B 173 13.41 -10.15 -9.69
N SER B 174 12.10 -9.93 -9.87
CA SER B 174 11.48 -10.31 -11.14
C SER B 174 12.08 -9.54 -12.31
N LYS B 175 12.42 -8.26 -12.09
CA LYS B 175 13.01 -7.46 -13.16
C LYS B 175 14.38 -7.97 -13.55
N VAL B 176 15.22 -8.31 -12.56
CA VAL B 176 16.54 -8.84 -12.87
C VAL B 176 16.43 -10.13 -13.65
N LEU B 177 15.62 -11.08 -13.17
CA LEU B 177 15.60 -12.39 -13.82
C LEU B 177 14.93 -12.32 -15.18
N LEU B 178 13.86 -11.54 -15.33
CA LEU B 178 13.24 -11.46 -16.65
C LEU B 178 14.16 -10.78 -17.66
N GLU B 179 14.94 -9.79 -17.22
CA GLU B 179 15.88 -9.14 -18.11
C GLU B 179 16.93 -10.12 -18.59
N LYS B 180 17.53 -10.85 -17.66
CA LYS B 180 18.60 -11.78 -18.04
C LYS B 180 18.05 -12.93 -18.87
N ALA B 181 16.82 -13.36 -18.62
CA ALA B 181 16.21 -14.40 -19.42
C ALA B 181 15.88 -13.89 -20.82
N ALA B 182 15.35 -12.67 -20.92
CA ALA B 182 15.03 -12.12 -22.23
C ALA B 182 16.29 -11.95 -23.07
N CYS B 183 17.36 -11.44 -22.47
CA CYS B 183 18.59 -11.23 -23.24
C CYS B 183 19.18 -12.56 -23.72
N ARG B 184 19.19 -13.57 -22.84
CA ARG B 184 19.68 -14.89 -23.26
C ARG B 184 18.89 -15.42 -24.45
N PHE B 185 17.55 -15.45 -24.31
CA PHE B 185 16.70 -15.95 -25.37
C PHE B 185 16.89 -15.14 -26.65
N ALA B 186 16.98 -13.81 -26.51
CA ALA B 186 17.14 -12.97 -27.71
C ALA B 186 18.45 -13.26 -28.42
N GLU B 187 19.54 -13.36 -27.67
CA GLU B 187 20.82 -13.64 -28.30
C GLU B 187 20.87 -15.04 -28.91
N GLU B 188 20.29 -16.03 -28.23
CA GLU B 188 20.25 -17.37 -28.79
C GLU B 188 19.55 -17.40 -30.14
N HIS B 189 18.50 -16.61 -30.30
CA HIS B 189 17.67 -16.66 -31.50
C HIS B 189 17.98 -15.55 -32.48
N GLY B 190 19.01 -14.76 -32.24
CA GLY B 190 19.48 -13.81 -33.23
C GLY B 190 18.57 -12.63 -33.49
N ILE B 191 17.88 -12.14 -32.46
CA ILE B 191 17.00 -10.99 -32.57
C ILE B 191 17.54 -9.88 -31.68
N SER B 192 17.59 -8.66 -32.21
CA SER B 192 18.09 -7.53 -31.43
C SER B 192 17.10 -7.21 -30.32
N LEU B 193 17.59 -7.16 -29.08
CA LEU B 193 16.75 -6.79 -27.95
C LEU B 193 17.44 -5.69 -27.17
N VAL B 194 16.75 -4.58 -26.94
CA VAL B 194 17.28 -3.49 -26.15
C VAL B 194 16.35 -3.30 -24.95
N THR B 195 16.94 -3.16 -23.78
CA THR B 195 16.16 -3.04 -22.55
C THR B 195 16.24 -1.62 -22.02
N VAL B 196 15.10 -1.06 -21.64
CA VAL B 196 15.02 0.24 -21.00
C VAL B 196 14.64 0.03 -19.54
N CYS B 197 15.35 0.70 -18.63
CA CYS B 197 15.12 0.58 -17.19
C CYS B 197 14.72 1.95 -16.67
N PRO B 198 13.45 2.33 -16.79
CA PRO B 198 13.04 3.64 -16.32
C PRO B 198 12.88 3.70 -14.81
N VAL B 199 13.04 4.91 -14.29
CA VAL B 199 12.75 5.21 -12.87
C VAL B 199 11.27 5.54 -12.75
N LEU B 200 10.83 5.96 -11.56
CA LEU B 200 9.44 6.36 -11.38
C LEU B 200 9.00 7.36 -12.45
N THR B 201 7.91 7.04 -13.14
CA THR B 201 7.47 7.77 -14.33
C THR B 201 6.23 8.60 -14.02
N VAL B 202 6.25 9.88 -14.44
CA VAL B 202 5.27 10.88 -14.05
C VAL B 202 4.70 11.56 -15.29
N GLY B 203 3.39 11.81 -15.30
CA GLY B 203 2.78 12.66 -16.29
C GLY B 203 1.57 12.01 -16.93
N ALA B 204 0.87 12.83 -17.72
CA ALA B 204 -0.43 12.45 -18.25
C ALA B 204 -0.32 11.42 -19.36
N ALA B 205 -1.34 10.54 -19.44
CA ALA B 205 -1.41 9.52 -20.48
C ALA B 205 -2.88 9.30 -20.90
N PRO B 206 -3.12 8.60 -22.01
CA PRO B 206 -4.51 8.43 -22.46
C PRO B 206 -5.30 7.39 -21.67
N ALA B 207 -4.64 6.48 -20.97
CA ALA B 207 -5.37 5.42 -20.28
C ALA B 207 -6.37 6.00 -19.28
N PRO B 208 -7.60 5.50 -19.23
CA PRO B 208 -8.61 6.09 -18.34
C PRO B 208 -8.65 5.49 -16.94
N LYS B 209 -8.01 4.35 -16.72
CA LYS B 209 -8.19 3.60 -15.48
C LYS B 209 -6.85 3.05 -15.00
N VAL B 210 -5.91 3.95 -14.73
CA VAL B 210 -4.60 3.56 -14.26
C VAL B 210 -4.39 4.11 -12.86
N ARG B 211 -3.48 3.46 -12.14
CA ARG B 211 -3.08 3.95 -10.83
C ARG B 211 -1.57 4.03 -10.81
N THR B 212 -0.90 2.90 -10.55
CA THR B 212 0.54 2.73 -10.73
C THR B 212 1.33 3.93 -10.20
N SER B 213 2.29 4.42 -10.97
CA SER B 213 3.15 5.53 -10.53
C SER B 213 2.43 6.87 -10.46
N ILE B 214 1.22 6.98 -10.99
CA ILE B 214 0.44 8.21 -10.82
C ILE B 214 -0.02 8.31 -9.37
N VAL B 215 -0.54 7.20 -8.83
CA VAL B 215 -0.88 7.20 -7.40
C VAL B 215 0.35 7.55 -6.57
N ASP B 216 1.50 6.93 -6.87
CA ASP B 216 2.68 7.11 -6.03
C ASP B 216 3.21 8.53 -6.12
N SER B 217 3.36 9.06 -7.35
CA SER B 217 3.94 10.38 -7.53
C SER B 217 3.02 11.49 -7.05
N LEU B 218 1.74 11.21 -6.85
CA LEU B 218 0.80 12.19 -6.31
C LEU B 218 0.48 11.95 -4.84
N SER B 219 1.17 11.00 -4.20
CA SER B 219 0.76 10.55 -2.86
C SER B 219 0.94 11.65 -1.83
N MET B 220 1.95 12.52 -2.01
CA MET B 220 2.11 13.64 -1.08
C MET B 220 0.94 14.61 -1.14
N LEU B 221 0.24 14.68 -2.27
CA LEU B 221 -0.95 15.52 -2.39
C LEU B 221 -2.21 14.81 -1.94
N SER B 222 -2.33 13.53 -2.26
CA SER B 222 -3.53 12.77 -1.88
C SER B 222 -3.51 12.28 -0.44
N GLY B 223 -2.33 12.10 0.16
CA GLY B 223 -2.27 11.47 1.46
C GLY B 223 -2.28 9.97 1.42
N ASP B 224 -2.27 9.39 0.22
CA ASP B 224 -2.29 7.95 0.07
C ASP B 224 -1.09 7.32 0.77
N GLU B 225 -1.34 6.60 1.86
CA GLU B 225 -0.22 6.08 2.66
C GLU B 225 0.54 4.98 1.95
N ALA B 226 -0.13 4.23 1.06
CA ALA B 226 0.59 3.23 0.29
C ALA B 226 1.57 3.90 -0.67
N GLY B 227 1.11 4.95 -1.36
CA GLY B 227 1.98 5.66 -2.30
C GLY B 227 3.14 6.33 -1.59
N LEU B 228 2.90 6.86 -0.39
CA LEU B 228 4.01 7.46 0.36
C LEU B 228 5.03 6.40 0.73
N ALA B 229 4.57 5.21 1.12
CA ALA B 229 5.53 4.16 1.45
C ALA B 229 6.37 3.82 0.22
N VAL B 230 5.78 3.90 -0.96
CA VAL B 230 6.54 3.55 -2.16
C VAL B 230 7.67 4.57 -2.38
N LEU B 231 7.32 5.86 -2.41
CA LEU B 231 8.33 6.91 -2.53
C LEU B 231 9.43 6.76 -1.50
N ARG B 232 9.05 6.67 -0.22
CA ARG B 232 10.06 6.47 0.81
C ARG B 232 10.90 5.23 0.53
N GLY B 233 10.28 4.16 0.06
CA GLY B 233 11.02 2.93 -0.12
C GLY B 233 12.02 3.06 -1.26
N ILE B 234 11.66 3.79 -2.31
CA ILE B 234 12.60 4.00 -3.41
C ILE B 234 13.87 4.65 -2.88
N GLU B 235 13.73 5.73 -2.12
CA GLU B 235 14.95 6.41 -1.65
C GLU B 235 15.72 5.53 -0.68
N THR B 236 15.02 4.90 0.27
CA THR B 236 15.69 4.07 1.26
C THR B 236 16.49 2.95 0.61
N THR B 237 15.91 2.25 -0.37
CA THR B 237 16.60 1.08 -0.92
C THR B 237 17.63 1.43 -1.98
N SER B 238 17.49 2.57 -2.66
CA SER B 238 18.32 2.86 -3.82
C SER B 238 19.24 4.06 -3.66
N GLY B 239 19.03 4.91 -2.66
CA GLY B 239 19.86 6.09 -2.45
C GLY B 239 19.31 7.39 -3.00
N ALA B 240 18.20 7.38 -3.73
CA ALA B 240 17.61 8.60 -4.26
C ALA B 240 16.15 8.35 -4.60
N LEU B 241 15.42 9.43 -4.87
CA LEU B 241 14.09 9.36 -5.47
C LEU B 241 14.21 9.88 -6.90
N GLN B 242 14.31 8.94 -7.85
CA GLN B 242 14.58 9.31 -9.24
C GLN B 242 13.26 9.46 -10.00
N LEU B 243 13.24 10.40 -10.95
CA LEU B 243 12.03 10.70 -11.69
C LEU B 243 12.33 10.82 -13.18
N VAL B 244 11.32 10.51 -14.00
CA VAL B 244 11.33 10.77 -15.44
C VAL B 244 9.90 11.05 -15.87
N HIS B 245 9.74 11.98 -16.82
CA HIS B 245 8.45 12.30 -17.37
C HIS B 245 8.06 11.26 -18.44
N ILE B 246 6.77 10.90 -18.47
CA ILE B 246 6.28 9.89 -19.41
C ILE B 246 6.64 10.24 -20.86
N ASP B 247 6.58 11.53 -21.23
CA ASP B 247 6.93 11.91 -22.61
C ASP B 247 8.38 11.59 -22.92
N ASP B 248 9.29 11.85 -21.98
CA ASP B 248 10.70 11.54 -22.21
C ASP B 248 10.91 10.04 -22.30
N LEU B 249 10.21 9.26 -21.47
CA LEU B 249 10.35 7.81 -21.55
C LEU B 249 9.89 7.32 -22.93
N CYS B 250 8.72 7.77 -23.36
CA CYS B 250 8.23 7.31 -24.65
C CYS B 250 9.18 7.73 -25.77
N ARG B 251 9.68 8.96 -25.72
CA ARG B 251 10.66 9.36 -26.75
C ARG B 251 11.89 8.47 -26.70
N ALA B 252 12.35 8.12 -25.49
CA ALA B 252 13.52 7.25 -25.36
C ALA B 252 13.25 5.88 -25.94
N GLU B 253 12.05 5.35 -25.74
CA GLU B 253 11.73 4.05 -26.29
C GLU B 253 11.79 4.09 -27.80
N LEU B 254 11.21 5.12 -28.42
CA LEU B 254 11.25 5.22 -29.87
C LEU B 254 12.68 5.41 -30.35
N PHE B 255 13.44 6.26 -29.65
CA PHE B 255 14.84 6.47 -30.01
C PHE B 255 15.59 5.14 -30.00
N LEU B 256 15.43 4.35 -28.94
CA LEU B 256 16.19 3.11 -28.84
C LEU B 256 15.74 2.11 -29.90
N ALA B 257 14.48 2.15 -30.32
CA ALA B 257 14.02 1.26 -31.38
C ALA B 257 14.68 1.61 -32.71
N GLU B 258 14.76 2.91 -33.01
CA GLU B 258 15.18 3.42 -34.32
C GLU B 258 16.69 3.53 -34.48
N GLU B 259 17.44 3.71 -33.40
CA GLU B 259 18.87 3.98 -33.49
C GLU B 259 19.63 2.67 -33.66
N ALA B 260 20.11 2.42 -34.88
CA ALA B 260 20.76 1.14 -35.17
C ALA B 260 21.92 0.86 -34.24
N ALA B 261 22.66 1.91 -33.83
CA ALA B 261 23.85 1.74 -33.00
C ALA B 261 23.51 1.42 -31.56
N ALA B 262 22.27 1.61 -31.15
CA ALA B 262 21.88 1.33 -29.77
C ALA B 262 21.96 -0.18 -29.51
N GLY B 263 22.40 -0.53 -28.30
CA GLY B 263 22.43 -1.93 -27.93
C GLY B 263 22.56 -2.11 -26.44
N GLY B 264 22.00 -3.20 -25.92
CA GLY B 264 22.16 -3.48 -24.50
C GLY B 264 21.09 -2.79 -23.67
N ARG B 265 21.45 -2.47 -22.43
CA ARG B 265 20.53 -1.92 -21.46
C ARG B 265 20.72 -0.41 -21.30
N TYR B 266 19.63 0.30 -21.03
CA TYR B 266 19.66 1.76 -20.87
C TYR B 266 18.84 2.17 -19.66
N ILE B 267 19.49 2.85 -18.71
CA ILE B 267 18.77 3.56 -17.65
C ILE B 267 18.06 4.76 -18.29
N CYS B 268 16.80 4.96 -17.93
CA CYS B 268 16.04 6.14 -18.34
C CYS B 268 15.66 6.90 -17.08
N CYS B 269 16.27 8.06 -16.88
CA CYS B 269 16.16 8.78 -15.62
C CYS B 269 16.51 10.23 -15.89
N SER B 270 15.61 11.15 -15.59
CA SER B 270 15.88 12.56 -15.82
C SER B 270 16.51 13.24 -14.63
N LEU B 271 16.02 12.94 -13.42
CA LEU B 271 16.39 13.71 -12.24
C LEU B 271 16.53 12.77 -11.04
N ASN B 272 17.62 12.92 -10.30
CA ASN B 272 17.78 12.25 -9.01
C ASN B 272 17.47 13.27 -7.93
N THR B 273 16.35 13.09 -7.26
CA THR B 273 15.99 13.97 -6.16
C THR B 273 15.85 13.14 -4.89
N THR B 274 15.08 13.63 -3.92
CA THR B 274 14.84 12.90 -2.67
C THR B 274 13.40 13.14 -2.26
N VAL B 275 12.92 12.32 -1.30
CA VAL B 275 11.57 12.54 -0.77
C VAL B 275 11.46 13.94 -0.16
N VAL B 276 12.46 14.31 0.64
CA VAL B 276 12.44 15.62 1.27
C VAL B 276 12.34 16.74 0.24
N GLU B 277 13.15 16.67 -0.82
CA GLU B 277 13.13 17.75 -1.81
C GLU B 277 11.87 17.73 -2.67
N LEU B 278 11.34 16.55 -3.00
CA LEU B 278 10.08 16.51 -3.73
C LEU B 278 8.95 17.11 -2.88
N ALA B 279 8.91 16.77 -1.60
CA ALA B 279 7.88 17.31 -0.72
C ALA B 279 7.97 18.83 -0.65
N ARG B 280 9.17 19.37 -0.50
CA ARG B 280 9.35 20.82 -0.48
C ARG B 280 8.84 21.46 -1.77
N PHE B 281 9.14 20.86 -2.93
CA PHE B 281 8.64 21.36 -4.21
C PHE B 281 7.12 21.31 -4.26
N LEU B 282 6.54 20.17 -3.88
CA LEU B 282 5.10 20.04 -4.02
C LEU B 282 4.36 20.97 -3.04
N ALA B 283 4.90 21.15 -1.84
CA ALA B 283 4.29 22.10 -0.92
C ALA B 283 4.25 23.50 -1.50
N HIS B 284 5.30 23.89 -2.23
CA HIS B 284 5.34 25.21 -2.84
C HIS B 284 4.41 25.30 -4.04
N LYS B 285 4.35 24.24 -4.87
CA LYS B 285 3.62 24.34 -6.12
C LYS B 285 2.13 24.14 -5.92
N TYR B 286 1.73 23.33 -4.94
CA TYR B 286 0.33 22.99 -4.69
C TYR B 286 0.05 23.22 -3.22
N PRO B 287 0.06 24.47 -2.79
CA PRO B 287 -0.09 24.75 -1.34
C PRO B 287 -1.44 24.33 -0.79
N GLN B 288 -2.45 24.15 -1.63
CA GLN B 288 -3.78 23.80 -1.13
C GLN B 288 -3.80 22.47 -0.40
N TYR B 289 -2.88 21.55 -0.73
CA TYR B 289 -2.86 20.21 -0.15
C TYR B 289 -2.16 20.13 1.19
N ARG B 290 -1.49 21.20 1.61
CA ARG B 290 -0.75 21.22 2.88
C ARG B 290 0.16 20.00 3.00
N VAL B 291 0.99 19.82 1.97
CA VAL B 291 1.92 18.71 1.94
C VAL B 291 2.76 18.68 3.20
N LYS B 292 2.95 17.49 3.75
CA LYS B 292 3.84 17.31 4.88
C LYS B 292 5.28 17.35 4.39
N THR B 293 6.08 18.28 4.91
CA THR B 293 7.44 18.49 4.44
C THR B 293 8.50 17.93 5.39
N ASN B 294 8.12 17.51 6.59
CA ASN B 294 9.08 17.03 7.59
C ASN B 294 9.18 15.52 7.55
N PHE B 295 10.40 15.00 7.34
CA PHE B 295 10.67 13.57 7.33
C PHE B 295 11.79 13.21 8.31
N ASP B 296 11.90 13.97 9.41
CA ASP B 296 12.97 13.74 10.36
C ASP B 296 12.88 12.39 11.07
N ASP B 297 11.80 11.65 10.87
CA ASP B 297 11.68 10.33 11.51
C ASP B 297 12.63 9.31 10.89
N ASP B 298 12.91 9.41 9.58
CA ASP B 298 13.74 8.45 8.87
C ASP B 298 15.09 9.07 8.55
N GLU B 299 16.14 8.57 9.22
CA GLU B 299 17.51 8.99 8.95
C GLU B 299 17.98 8.54 7.57
N HIS B 300 17.22 7.69 6.89
CA HIS B 300 17.55 7.24 5.55
C HIS B 300 16.87 8.08 4.47
N LEU B 301 16.08 9.07 4.86
CA LEU B 301 15.51 10.07 3.96
C LEU B 301 16.37 11.32 4.06
N LEU B 302 17.18 11.57 3.04
CA LEU B 302 18.23 12.59 3.07
C LEU B 302 17.78 13.86 2.36
N GLU B 303 18.56 14.93 2.56
CA GLU B 303 18.31 16.16 1.82
C GLU B 303 18.77 16.05 0.37
N ARG B 304 19.83 15.28 0.12
CA ARG B 304 20.37 15.11 -1.22
C ARG B 304 20.69 13.65 -1.45
N PRO B 305 20.62 13.18 -2.70
CA PRO B 305 20.81 11.75 -2.97
C PRO B 305 22.17 11.24 -2.50
N ARG B 306 22.13 10.09 -1.82
CA ARG B 306 23.34 9.34 -1.49
C ARG B 306 23.89 8.61 -2.71
N VAL B 307 23.01 8.11 -3.57
CA VAL B 307 23.35 7.40 -4.80
C VAL B 307 22.51 8.00 -5.91
N ILE B 308 23.11 8.19 -7.08
CA ILE B 308 22.37 8.71 -8.21
C ILE B 308 22.40 7.70 -9.34
N MET B 309 21.34 7.70 -10.12
CA MET B 309 21.23 6.90 -11.34
C MET B 309 21.72 7.74 -12.52
N SER B 310 22.69 7.22 -13.28
CA SER B 310 23.25 7.95 -14.42
C SER B 310 22.59 7.52 -15.72
N SER B 311 22.11 8.48 -16.49
CA SER B 311 21.60 8.23 -17.83
C SER B 311 22.60 8.63 -18.91
N GLU B 312 23.89 8.66 -18.57
CA GLU B 312 24.89 9.09 -19.54
C GLU B 312 24.94 8.18 -20.76
N LYS B 313 24.61 6.90 -20.61
CA LYS B 313 24.65 6.01 -21.77
C LYS B 313 23.64 6.44 -22.82
N LEU B 314 22.38 6.63 -22.40
CA LEU B 314 21.35 7.12 -23.30
C LEU B 314 21.70 8.48 -23.89
N VAL B 315 22.25 9.38 -23.08
CA VAL B 315 22.54 10.73 -23.58
C VAL B 315 23.71 10.68 -24.55
N ARG B 316 24.76 9.92 -24.22
CA ARG B 316 25.88 9.75 -25.14
C ARG B 316 25.42 9.16 -26.47
N GLU B 317 24.39 8.32 -26.44
CA GLU B 317 23.85 7.75 -27.66
C GLU B 317 23.22 8.80 -28.56
N GLY B 318 22.92 9.99 -28.02
CA GLY B 318 22.28 11.06 -28.78
C GLY B 318 20.95 11.54 -28.23
N PHE B 319 20.42 10.93 -27.17
CA PHE B 319 19.11 11.31 -26.65
C PHE B 319 19.22 12.52 -25.73
N GLU B 320 18.17 13.34 -25.72
CA GLU B 320 18.07 14.53 -24.87
C GLU B 320 16.75 14.53 -24.11
N TYR B 321 16.81 14.63 -22.77
CA TYR B 321 15.62 14.82 -21.96
C TYR B 321 15.06 16.23 -22.14
N ARG B 322 13.73 16.34 -22.18
CA ARG B 322 13.07 17.62 -22.29
C ARG B 322 12.44 18.10 -20.99
N HIS B 323 12.19 17.19 -20.04
CA HIS B 323 11.62 17.53 -18.73
C HIS B 323 12.73 17.31 -17.71
N ASN B 324 13.38 18.40 -17.31
CA ASN B 324 14.62 18.35 -16.56
C ASN B 324 14.51 18.92 -15.15
N THR B 325 13.51 19.73 -14.87
CA THR B 325 13.27 20.23 -13.54
C THR B 325 12.02 19.57 -12.98
N LEU B 326 11.87 19.64 -11.65
CA LEU B 326 10.64 19.17 -11.02
C LEU B 326 9.42 19.83 -11.64
N ASP B 327 9.50 21.13 -11.90
CA ASP B 327 8.38 21.84 -12.49
C ASP B 327 7.99 21.22 -13.83
N GLU B 328 8.98 20.83 -14.63
CA GLU B 328 8.69 20.27 -15.94
C GLU B 328 8.22 18.83 -15.83
N ILE B 329 8.79 18.08 -14.88
CA ILE B 329 8.38 16.69 -14.69
C ILE B 329 6.96 16.61 -14.16
N TYR B 330 6.56 17.54 -13.31
CA TYR B 330 5.19 17.62 -12.80
C TYR B 330 4.35 18.59 -13.60
N ASP B 331 4.54 18.68 -14.92
CA ASP B 331 3.84 19.72 -15.66
C ASP B 331 2.37 19.41 -15.92
N ASN B 332 1.95 18.14 -15.93
CA ASN B 332 0.55 17.85 -16.21
C ASN B 332 0.00 16.67 -15.40
N VAL B 333 0.72 16.17 -14.41
CA VAL B 333 0.29 14.95 -13.73
C VAL B 333 -0.88 15.24 -12.78
N VAL B 334 -0.95 16.42 -12.18
CA VAL B 334 -2.05 16.69 -11.25
C VAL B 334 -3.39 16.67 -11.98
N GLU B 335 -3.47 17.32 -13.14
CA GLU B 335 -4.72 17.29 -13.88
C GLU B 335 -5.08 15.86 -14.31
N TYR B 336 -4.08 15.04 -14.63
CA TYR B 336 -4.35 13.64 -14.93
C TYR B 336 -4.93 12.93 -13.71
N GLY B 337 -4.32 13.16 -12.54
CA GLY B 337 -4.83 12.56 -11.32
C GLY B 337 -6.27 12.97 -11.03
N LYS B 338 -6.62 14.21 -11.36
CA LYS B 338 -8.02 14.61 -11.22
C LYS B 338 -8.90 13.84 -12.19
N ALA B 339 -8.47 13.70 -13.45
CA ALA B 339 -9.30 13.01 -14.42
C ALA B 339 -9.51 11.56 -14.04
N LEU B 340 -8.50 10.95 -13.41
CA LEU B 340 -8.56 9.58 -12.95
C LEU B 340 -9.34 9.40 -11.65
N GLY B 341 -9.65 10.48 -10.94
CA GLY B 341 -10.28 10.35 -9.63
C GLY B 341 -9.33 10.11 -8.47
N ILE B 342 -8.02 10.22 -8.69
CA ILE B 342 -7.05 10.11 -7.59
C ILE B 342 -7.06 11.37 -6.75
N LEU B 343 -7.35 12.52 -7.35
CA LEU B 343 -7.52 13.79 -6.65
C LEU B 343 -8.87 14.40 -6.99
N PRO B 344 -9.46 15.15 -6.06
CA PRO B 344 -10.71 15.84 -6.35
C PRO B 344 -10.48 17.03 -7.27
N TYR B 345 -11.51 17.37 -8.04
CA TYR B 345 -11.46 18.54 -8.90
C TYR B 345 -11.61 19.83 -8.08
#